data_8TK7
#
_entry.id   8TK7
#
_cell.length_a   1.00
_cell.length_b   1.00
_cell.length_c   1.00
_cell.angle_alpha   90.00
_cell.angle_beta   90.00
_cell.angle_gamma   90.00
#
_symmetry.space_group_name_H-M   'P 1'
#
loop_
_entity.id
_entity.type
_entity.pdbx_description
1 polymer 'Type 1 encapsulin shell protein EncA'
2 polymer 'Methylated-DNA--protein-cysteine methyltransferase'
#
loop_
_entity_poly.entity_id
_entity_poly.type
_entity_poly.pdbx_seq_one_letter_code
_entity_poly.pdbx_strand_id
1 'polypeptide(L)'
;MPDFLGHAENPLREEEWARLNETVIQVARRSLVGRRILDIYGPLGAGVQTVPYDEFQGVSPGAVDIVGEQETAMVFTDAR
KFKTIPIIYKDFLLHWRDIEAARTHNMPLDVSAAAGAAALCAQQEDELIFYGDARLGYEGLMTANGRLTVPLGDWTSPGG
GFQAIVEATRKLNEQGHFGPYAVVLSPRLYSQLHRIYEKTGVLEIETIRQLASDGVYQSNRLRGESGVVVSTGRENMDLA
VSMDMVAAYLGASRMNHPFRVLEALLLRIKHPDAICTLEGAGATERR
;
B,A,C
2 'polypeptide(L)'
;MGPGSDKDCEMKRTTLDSPLGKLELSGCEQGLHEIIFLGKGTSAADAVEVPAPAAVLGGPEPLMQATAWLNAYFHQPEAI
EEFPVPALHHPVFQQESFTRQVLWKLLKVVKFGEVISYSHLAALAGNPAATAAVKTALSGNPVPILIPCHRVVQGDLDVG
GYEGGLAVKEWLLAHEGHRLGKRGGGSGGGSPEKRLTVGSLRR
;
E,D,F
#
# COMPACT_ATOMS: atom_id res chain seq x y z
N PRO A 2 20.07 -0.65 -15.58
CA PRO A 2 21.16 -1.18 -14.76
C PRO A 2 20.88 -1.08 -13.26
N ASP A 3 21.75 -1.71 -12.46
CA ASP A 3 21.67 -1.74 -11.00
C ASP A 3 20.57 -2.66 -10.50
N PHE A 4 19.74 -3.16 -11.42
CA PHE A 4 18.83 -4.25 -11.09
C PHE A 4 19.19 -5.53 -11.81
N LEU A 5 20.25 -5.51 -12.62
CA LEU A 5 20.70 -6.67 -13.37
C LEU A 5 21.77 -7.46 -12.63
N GLY A 6 22.15 -7.00 -11.44
CA GLY A 6 23.16 -7.68 -10.60
C GLY A 6 22.67 -7.95 -9.19
N HIS A 7 23.56 -8.36 -8.27
CA HIS A 7 23.19 -8.68 -6.86
C HIS A 7 23.94 -7.71 -5.94
N ALA A 8 23.22 -6.86 -5.20
CA ALA A 8 23.88 -5.78 -4.42
C ALA A 8 23.99 -6.03 -2.92
N GLU A 9 24.87 -5.27 -2.26
CA GLU A 9 25.02 -5.36 -0.78
C GLU A 9 23.97 -4.46 -0.12
N ASN A 10 23.68 -3.31 -0.74
CA ASN A 10 22.73 -2.35 -0.15
C ASN A 10 21.85 -1.73 -1.26
N PRO A 11 20.52 -1.97 -1.23
CA PRO A 11 19.61 -1.40 -2.23
C PRO A 11 19.04 -0.01 -1.95
N LEU A 12 19.30 0.60 -0.79
CA LEU A 12 18.66 1.89 -0.42
C LEU A 12 19.71 2.97 -0.15
N ARG A 13 19.28 4.23 -0.14
CA ARG A 13 20.20 5.36 0.20
C ARG A 13 20.10 5.69 1.70
N GLU A 14 20.88 6.64 2.19
CA GLU A 14 20.98 6.96 3.61
C GLU A 14 19.70 7.57 4.15
N GLU A 15 19.10 8.50 3.40
CA GLU A 15 17.87 9.14 3.84
C GLU A 15 16.73 8.13 3.93
N GLU A 16 16.65 7.20 2.98
CA GLU A 16 15.64 6.15 3.02
C GLU A 16 15.86 5.22 4.21
N TRP A 17 17.11 4.86 4.51
CA TRP A 17 17.38 4.07 5.72
C TRP A 17 16.93 4.81 6.97
N ALA A 18 17.21 6.11 7.05
CA ALA A 18 16.82 6.90 8.22
C ALA A 18 15.30 6.95 8.37
N ARG A 19 14.60 7.19 7.26
CA ARG A 19 13.14 7.23 7.31
C ARG A 19 12.57 5.88 7.75
N LEU A 20 13.14 4.79 7.25
CA LEU A 20 12.69 3.45 7.63
C LEU A 20 12.86 3.22 9.13
N ASN A 21 14.02 3.60 9.67
CA ASN A 21 14.27 3.40 11.10
C ASN A 21 13.33 4.25 11.95
N GLU A 22 13.10 5.51 11.56
CA GLU A 22 12.19 6.35 12.31
C GLU A 22 10.77 5.81 12.30
N THR A 23 10.32 5.29 11.14
CA THR A 23 8.99 4.69 11.08
C THR A 23 8.88 3.51 12.04
N VAL A 24 9.90 2.65 12.05
CA VAL A 24 9.87 1.49 12.93
C VAL A 24 9.81 1.93 14.39
N ILE A 25 10.63 2.91 14.77
CA ILE A 25 10.67 3.37 16.16
C ILE A 25 9.32 3.95 16.57
N GLN A 26 8.73 4.79 15.71
CA GLN A 26 7.46 5.41 16.06
C GLN A 26 6.36 4.37 16.23
N VAL A 27 6.27 3.40 15.31
CA VAL A 27 5.23 2.38 15.44
C VAL A 27 5.43 1.58 16.73
N ALA A 28 6.68 1.22 17.05
CA ALA A 28 6.92 0.46 18.27
C ALA A 28 6.52 1.25 19.50
N ARG A 29 6.92 2.52 19.59
CA ARG A 29 6.54 3.35 20.73
C ARG A 29 5.05 3.53 20.86
N ARG A 30 4.32 3.58 19.75
CA ARG A 30 2.87 3.69 19.83
C ARG A 30 2.19 2.37 20.19
N SER A 31 2.82 1.23 19.92
CA SER A 31 2.15 -0.05 20.12
C SER A 31 2.53 -0.78 21.41
N LEU A 32 3.68 -0.50 22.02
CA LEU A 32 4.16 -1.29 23.15
C LEU A 32 3.42 -0.97 24.44
N VAL A 33 3.30 -1.97 25.32
CA VAL A 33 2.55 -1.83 26.57
C VAL A 33 3.40 -2.16 27.79
N GLY A 34 4.01 -3.35 27.80
CA GLY A 34 4.73 -3.84 28.97
C GLY A 34 5.92 -3.01 29.39
N ARG A 35 6.50 -2.24 28.47
CA ARG A 35 7.59 -1.33 28.77
C ARG A 35 7.14 -0.13 29.59
N ARG A 36 5.83 0.06 29.75
CA ARG A 36 5.29 1.11 30.60
C ARG A 36 5.14 0.70 32.05
N ILE A 37 5.23 -0.61 32.34
CA ILE A 37 5.12 -1.11 33.70
C ILE A 37 6.34 -1.89 34.14
N LEU A 38 7.28 -2.18 33.24
CA LEU A 38 8.46 -2.94 33.61
C LEU A 38 9.72 -2.10 33.43
N ASP A 39 10.66 -2.27 34.35
CA ASP A 39 11.97 -1.65 34.25
C ASP A 39 12.88 -2.46 33.33
N ILE A 40 13.88 -1.79 32.78
CA ILE A 40 14.77 -2.38 31.80
C ILE A 40 16.14 -2.56 32.43
N TYR A 41 16.55 -3.81 32.61
CA TYR A 41 17.94 -4.10 32.96
C TYR A 41 18.80 -3.65 31.79
N GLY A 42 19.88 -2.94 32.09
CA GLY A 42 20.67 -2.25 31.10
C GLY A 42 20.93 -3.03 29.84
N PRO A 43 21.02 -2.34 28.72
CA PRO A 43 21.16 -3.02 27.44
C PRO A 43 22.55 -3.60 27.22
N LEU A 44 22.60 -4.90 26.93
CA LEU A 44 23.82 -5.68 27.06
C LEU A 44 24.68 -5.73 25.81
N GLY A 45 24.07 -5.92 24.64
CA GLY A 45 24.82 -6.08 23.41
C GLY A 45 24.42 -7.34 22.66
N ALA A 46 24.62 -7.33 21.34
CA ALA A 46 24.16 -8.45 20.52
C ALA A 46 24.90 -9.74 20.83
N GLY A 47 26.15 -9.63 21.29
CA GLY A 47 26.94 -10.81 21.60
C GLY A 47 26.49 -11.57 22.84
N VAL A 48 25.75 -10.90 23.74
CA VAL A 48 25.30 -11.52 24.98
C VAL A 48 24.05 -12.34 24.69
N GLN A 49 24.08 -13.63 25.05
CA GLN A 49 22.96 -14.51 24.81
C GLN A 49 22.43 -15.21 26.07
N THR A 50 22.97 -14.90 27.24
CA THR A 50 22.56 -15.55 28.48
C THR A 50 22.67 -14.56 29.63
N VAL A 51 21.74 -14.67 30.58
CA VAL A 51 21.75 -13.83 31.78
C VAL A 51 21.41 -14.67 33.00
N PRO A 52 21.86 -14.29 34.20
CA PRO A 52 21.45 -15.02 35.40
C PRO A 52 19.96 -14.86 35.67
N TYR A 53 19.38 -15.88 36.29
CA TYR A 53 17.95 -15.92 36.61
C TYR A 53 17.80 -16.22 38.09
N ASP A 54 17.83 -15.17 38.91
CA ASP A 54 17.76 -15.32 40.36
C ASP A 54 16.31 -15.39 40.82
N GLU A 55 16.02 -16.32 41.72
CA GLU A 55 14.68 -16.51 42.28
C GLU A 55 14.75 -16.45 43.79
N PHE A 56 13.93 -15.57 44.38
CA PHE A 56 13.90 -15.41 45.85
C PHE A 56 12.51 -15.79 46.36
N GLN A 57 12.46 -16.46 47.52
CA GLN A 57 11.16 -16.88 48.11
C GLN A 57 11.08 -16.40 49.57
N GLY A 58 9.87 -16.26 50.11
CA GLY A 58 9.71 -15.88 51.53
C GLY A 58 9.87 -14.38 51.77
N VAL A 59 9.77 -13.96 53.04
CA VAL A 59 9.91 -12.52 53.40
C VAL A 59 11.05 -12.38 54.42
N SER A 60 12.01 -11.50 54.16
CA SER A 60 13.13 -11.27 55.11
C SER A 60 13.24 -9.77 55.42
N PRO A 61 12.90 -9.31 56.64
CA PRO A 61 12.90 -7.88 56.96
C PRO A 61 14.22 -7.32 57.50
N GLY A 62 14.31 -5.98 57.63
CA GLY A 62 15.51 -5.35 58.16
C GLY A 62 15.60 -5.50 59.67
N ALA A 63 16.45 -4.66 60.26
CA ALA A 63 16.71 -4.72 61.69
C ALA A 63 16.93 -3.32 62.24
N VAL A 64 16.50 -3.13 63.49
CA VAL A 64 16.74 -1.90 64.25
C VAL A 64 17.30 -2.30 65.61
N ASP A 65 18.51 -1.82 65.92
CA ASP A 65 19.17 -2.20 67.15
C ASP A 65 20.38 -1.29 67.38
N ILE A 66 20.94 -1.39 68.59
CA ILE A 66 21.98 -0.43 69.01
C ILE A 66 23.34 -0.81 68.43
N VAL A 67 23.73 -2.07 68.55
CA VAL A 67 24.98 -2.58 67.97
C VAL A 67 24.63 -3.63 66.93
N GLY A 68 25.13 -3.44 65.71
CA GLY A 68 24.66 -4.22 64.58
C GLY A 68 25.15 -5.66 64.53
N GLU A 69 24.58 -6.51 65.39
CA GLU A 69 24.99 -7.91 65.52
C GLU A 69 23.90 -8.86 65.04
N GLN A 70 23.24 -8.52 63.95
CA GLN A 70 22.24 -9.39 63.34
C GLN A 70 22.62 -9.64 61.89
N GLU A 71 22.09 -10.74 61.34
CA GLU A 71 22.51 -11.17 60.01
C GLU A 71 21.79 -10.38 58.92
N THR A 72 20.47 -10.56 58.83
CA THR A 72 19.60 -9.88 57.86
C THR A 72 20.25 -9.82 56.47
N ALA A 73 20.55 -11.00 55.92
CA ALA A 73 21.14 -11.10 54.60
C ALA A 73 20.51 -12.26 53.85
N MET A 74 20.24 -12.05 52.56
CA MET A 74 19.73 -13.11 51.72
C MET A 74 20.88 -14.00 51.23
N VAL A 75 20.56 -15.25 50.95
CA VAL A 75 21.54 -16.25 50.53
C VAL A 75 21.27 -16.60 49.08
N PHE A 76 22.34 -16.95 48.36
CA PHE A 76 22.20 -17.36 46.97
C PHE A 76 21.49 -18.71 46.89
N THR A 77 20.78 -18.92 45.79
CA THR A 77 20.13 -20.20 45.54
C THR A 77 21.19 -21.28 45.31
N ASP A 78 20.89 -22.49 45.79
CA ASP A 78 21.82 -23.61 45.62
C ASP A 78 22.07 -23.93 44.15
N ALA A 79 21.18 -23.51 43.26
CA ALA A 79 21.28 -23.78 41.83
C ALA A 79 21.83 -22.60 41.05
N ARG A 80 21.22 -21.42 41.16
CA ARG A 80 21.61 -20.25 40.38
C ARG A 80 21.50 -20.59 38.89
N LYS A 81 20.28 -20.74 38.41
CA LYS A 81 20.01 -21.05 37.01
C LYS A 81 20.28 -19.84 36.12
N PHE A 82 20.51 -20.12 34.84
CA PHE A 82 20.62 -19.12 33.79
C PHE A 82 19.57 -19.36 32.73
N LYS A 83 19.40 -18.39 31.84
CA LYS A 83 18.41 -18.50 30.77
C LYS A 83 18.93 -17.82 29.51
N THR A 84 18.39 -18.24 28.37
CA THR A 84 18.83 -17.77 27.06
C THR A 84 17.88 -16.71 26.52
N ILE A 85 18.43 -15.72 25.85
CA ILE A 85 17.67 -14.60 25.31
C ILE A 85 17.24 -14.96 23.88
N PRO A 86 15.95 -14.92 23.55
CA PRO A 86 15.51 -15.28 22.20
C PRO A 86 15.58 -14.10 21.23
N ILE A 87 15.10 -14.35 20.02
CA ILE A 87 14.99 -13.34 18.97
C ILE A 87 13.54 -13.28 18.52
N ILE A 88 13.02 -12.06 18.38
CA ILE A 88 11.67 -11.82 17.88
C ILE A 88 11.77 -10.98 16.62
N TYR A 89 11.11 -11.43 15.55
CA TYR A 89 11.34 -10.82 14.24
C TYR A 89 10.10 -10.97 13.35
N LYS A 90 10.07 -10.15 12.30
CA LYS A 90 9.03 -10.19 11.28
C LYS A 90 9.61 -9.63 9.98
N ASP A 91 9.16 -10.19 8.84
CA ASP A 91 9.76 -9.87 7.55
C ASP A 91 8.78 -9.11 6.66
N PHE A 92 9.34 -8.27 5.77
CA PHE A 92 8.56 -7.56 4.77
C PHE A 92 9.35 -7.46 3.47
N LEU A 93 8.68 -6.99 2.42
CA LEU A 93 9.19 -7.05 1.05
C LEU A 93 9.07 -5.69 0.36
N LEU A 94 10.00 -5.45 -0.58
CA LEU A 94 9.97 -4.26 -1.43
C LEU A 94 10.22 -4.65 -2.87
N HIS A 95 9.44 -4.07 -3.78
CA HIS A 95 9.56 -4.34 -5.21
C HIS A 95 10.59 -3.43 -5.87
N TRP A 96 11.31 -3.98 -6.86
CA TRP A 96 12.43 -3.25 -7.44
C TRP A 96 11.99 -2.15 -8.39
N ARG A 97 10.83 -2.28 -9.03
CA ARG A 97 10.38 -1.23 -9.94
C ARG A 97 9.98 0.04 -9.18
N ASP A 98 9.53 -0.08 -7.94
CA ASP A 98 9.28 1.10 -7.12
C ASP A 98 10.57 1.88 -6.85
N ILE A 99 11.64 1.17 -6.51
CA ILE A 99 12.94 1.80 -6.32
C ILE A 99 13.41 2.43 -7.63
N GLU A 100 13.17 1.75 -8.75
CA GLU A 100 13.55 2.31 -10.04
C GLU A 100 12.81 3.61 -10.32
N ALA A 101 11.50 3.64 -10.05
CA ALA A 101 10.73 4.87 -10.23
C ALA A 101 11.25 5.98 -9.34
N ALA A 102 11.56 5.69 -8.08
CA ALA A 102 12.04 6.72 -7.11
C ALA A 102 13.37 7.33 -7.53
N ARG A 103 14.16 6.64 -8.34
CA ARG A 103 15.53 7.13 -8.70
C ARG A 103 15.55 7.75 -10.10
N THR A 104 14.57 7.42 -10.95
CA THR A 104 14.50 7.99 -12.33
C THR A 104 13.60 9.24 -12.33
N HIS A 105 12.39 9.16 -11.76
CA HIS A 105 11.46 10.32 -11.83
C HIS A 105 11.14 10.85 -10.42
N ASN A 106 12.10 10.76 -9.50
CA ASN A 106 11.94 11.33 -8.13
C ASN A 106 10.53 11.12 -7.56
N MET A 107 10.02 9.89 -7.55
CA MET A 107 8.72 9.63 -6.87
C MET A 107 9.04 9.09 -5.49
N PRO A 108 8.48 9.65 -4.39
CA PRO A 108 8.88 9.27 -3.02
C PRO A 108 8.62 7.80 -2.65
N LEU A 109 9.48 7.19 -1.82
CA LEU A 109 9.37 5.77 -1.49
C LEU A 109 8.34 5.55 -0.39
N ASP A 110 7.59 4.46 -0.50
CA ASP A 110 6.53 4.12 0.44
C ASP A 110 6.95 2.93 1.29
N VAL A 111 6.84 3.05 2.61
CA VAL A 111 7.37 2.06 3.54
C VAL A 111 6.31 1.54 4.51
N SER A 112 5.06 1.43 4.05
CA SER A 112 3.97 0.97 4.91
C SER A 112 4.08 -0.50 5.31
N ALA A 113 4.68 -1.33 4.47
CA ALA A 113 4.90 -2.73 4.84
C ALA A 113 5.82 -2.85 6.05
N ALA A 114 6.82 -1.97 6.14
CA ALA A 114 7.69 -1.96 7.31
C ALA A 114 6.91 -1.63 8.58
N ALA A 115 5.99 -0.67 8.49
CA ALA A 115 5.16 -0.33 9.64
C ALA A 115 4.31 -1.51 10.06
N GLY A 116 3.72 -2.21 9.09
CA GLY A 116 2.96 -3.41 9.42
C GLY A 116 3.80 -4.47 10.12
N ALA A 117 5.01 -4.72 9.60
CA ALA A 117 5.90 -5.68 10.22
C ALA A 117 6.29 -5.28 11.64
N ALA A 118 6.58 -3.99 11.85
CA ALA A 118 6.93 -3.52 13.19
C ALA A 118 5.77 -3.69 14.15
N ALA A 119 4.55 -3.39 13.71
CA ALA A 119 3.38 -3.60 14.57
C ALA A 119 3.24 -5.07 14.96
N LEU A 120 3.43 -5.97 14.00
CA LEU A 120 3.31 -7.39 14.32
C LEU A 120 4.41 -7.86 15.27
N CYS A 121 5.62 -7.32 15.11
CA CYS A 121 6.71 -7.67 16.03
C CYS A 121 6.42 -7.18 17.44
N ALA A 122 5.87 -5.96 17.57
CA ALA A 122 5.51 -5.47 18.90
C ALA A 122 4.42 -6.32 19.54
N GLN A 123 3.43 -6.74 18.75
CA GLN A 123 2.42 -7.64 19.29
C GLN A 123 3.01 -8.96 19.75
N GLN A 124 3.99 -9.50 19.01
CA GLN A 124 4.68 -10.71 19.44
C GLN A 124 5.42 -10.50 20.75
N GLU A 125 6.08 -9.36 20.91
CA GLU A 125 6.77 -9.08 22.18
C GLU A 125 5.80 -9.03 23.34
N ASP A 126 4.65 -8.37 23.16
CA ASP A 126 3.66 -8.32 24.24
C ASP A 126 3.10 -9.69 24.56
N GLU A 127 2.88 -10.53 23.54
CA GLU A 127 2.44 -11.89 23.78
C GLU A 127 3.47 -12.69 24.58
N LEU A 128 4.76 -12.50 24.27
CA LEU A 128 5.81 -13.19 25.02
C LEU A 128 5.90 -12.67 26.46
N ILE A 129 5.61 -11.40 26.69
CA ILE A 129 5.63 -10.89 28.07
C ILE A 129 4.46 -11.43 28.87
N PHE A 130 3.25 -11.40 28.31
CA PHE A 130 2.09 -11.73 29.12
C PHE A 130 1.87 -13.24 29.25
N TYR A 131 2.08 -13.99 28.18
CA TYR A 131 2.10 -15.45 28.25
C TYR A 131 3.50 -15.94 27.90
N GLY A 132 3.75 -17.22 28.12
CA GLY A 132 5.10 -17.72 27.98
C GLY A 132 5.41 -18.34 26.64
N ASP A 133 6.17 -19.42 26.66
CA ASP A 133 6.51 -20.17 25.45
C ASP A 133 6.81 -21.60 25.89
N ALA A 134 5.85 -22.50 25.68
CA ALA A 134 5.96 -23.85 26.22
C ALA A 134 7.16 -24.60 25.62
N ARG A 135 7.37 -24.47 24.31
CA ARG A 135 8.45 -25.20 23.66
C ARG A 135 9.81 -24.67 24.08
N LEU A 136 9.91 -23.37 24.37
CA LEU A 136 11.16 -22.78 24.81
C LEU A 136 11.29 -22.70 26.33
N GLY A 137 10.26 -23.10 27.08
CA GLY A 137 10.32 -23.08 28.52
C GLY A 137 10.37 -21.71 29.17
N TYR A 138 9.57 -20.77 28.68
CA TYR A 138 9.46 -19.45 29.29
C TYR A 138 8.10 -19.30 29.96
N GLU A 139 8.05 -18.46 30.99
CA GLU A 139 6.84 -18.21 31.75
C GLU A 139 6.47 -16.74 31.66
N GLY A 140 5.17 -16.46 31.66
CA GLY A 140 4.65 -15.11 31.61
C GLY A 140 3.97 -14.69 32.90
N LEU A 141 3.48 -13.43 32.93
CA LEU A 141 2.85 -12.86 34.11
C LEU A 141 1.56 -13.58 34.47
N MET A 142 0.84 -14.08 33.48
CA MET A 142 -0.43 -14.76 33.71
C MET A 142 -0.27 -16.26 33.89
N THR A 143 0.95 -16.79 33.78
CA THR A 143 1.17 -18.22 33.88
C THR A 143 2.23 -18.60 34.91
N ALA A 144 2.75 -17.64 35.68
CA ALA A 144 3.77 -17.93 36.73
C ALA A 144 3.21 -18.94 37.73
N ASN A 145 4.09 -19.65 38.46
CA ASN A 145 3.60 -20.74 39.37
C ASN A 145 3.49 -20.24 40.82
N GLY A 146 4.43 -19.41 41.28
CA GLY A 146 4.32 -18.85 42.63
C GLY A 146 3.51 -17.56 42.69
N ARG A 147 2.42 -17.47 41.93
CA ARG A 147 1.61 -16.22 41.85
C ARG A 147 0.32 -16.35 42.67
N LEU A 148 -0.19 -15.23 43.17
CA LEU A 148 -1.45 -15.24 43.96
C LEU A 148 -2.64 -15.14 43.02
N THR A 149 -3.81 -15.58 43.46
CA THR A 149 -5.04 -15.50 42.63
C THR A 149 -6.21 -14.99 43.48
N VAL A 150 -7.17 -14.31 42.85
CA VAL A 150 -8.38 -13.80 43.56
C VAL A 150 -9.56 -13.93 42.57
N PRO A 151 -10.78 -14.32 42.99
CA PRO A 151 -11.92 -14.37 42.07
C PRO A 151 -12.28 -13.00 41.46
N LEU A 152 -12.69 -12.98 40.19
CA LEU A 152 -13.04 -11.71 39.51
C LEU A 152 -14.33 -11.11 40.09
N GLY A 153 -15.38 -11.92 40.26
CA GLY A 153 -16.67 -11.41 40.75
C GLY A 153 -17.53 -10.84 39.62
N ASP A 154 -18.61 -10.14 39.96
CA ASP A 154 -19.54 -9.58 38.93
C ASP A 154 -19.19 -8.10 38.67
N TRP A 155 -18.96 -7.75 37.40
CA TRP A 155 -18.61 -6.36 37.02
C TRP A 155 -19.74 -5.74 36.19
N THR A 156 -20.84 -6.46 35.95
CA THR A 156 -21.95 -5.84 35.24
C THR A 156 -22.49 -4.64 36.02
N SER A 157 -22.58 -4.76 37.34
CA SER A 157 -22.98 -3.63 38.19
C SER A 157 -21.74 -2.89 38.69
N PRO A 158 -21.83 -1.54 38.81
CA PRO A 158 -20.69 -0.73 39.26
C PRO A 158 -20.27 -1.06 40.70
N GLY A 159 -18.98 -0.93 41.01
CA GLY A 159 -18.47 -1.27 42.35
C GLY A 159 -17.77 -2.63 42.36
N GLY A 160 -18.09 -3.51 41.40
CA GLY A 160 -17.43 -4.81 41.30
C GLY A 160 -15.94 -4.67 41.06
N GLY A 161 -15.54 -3.70 40.23
CA GLY A 161 -14.13 -3.46 39.96
C GLY A 161 -13.37 -3.04 41.21
N PHE A 162 -13.96 -2.14 42.00
CA PHE A 162 -13.30 -1.66 43.24
C PHE A 162 -13.14 -2.79 44.25
N GLN A 163 -14.15 -3.65 44.37
CA GLN A 163 -14.08 -4.76 45.36
C GLN A 163 -12.93 -5.72 45.01
N ALA A 164 -12.77 -6.07 43.74
CA ALA A 164 -11.73 -7.06 43.35
C ALA A 164 -10.32 -6.47 43.52
N ILE A 165 -10.12 -5.20 43.23
CA ILE A 165 -8.75 -4.59 43.32
C ILE A 165 -8.36 -4.37 44.79
N VAL A 166 -9.29 -4.08 45.69
CA VAL A 166 -8.93 -4.00 47.10
C VAL A 166 -8.61 -5.38 47.67
N GLU A 167 -9.34 -6.42 47.22
CA GLU A 167 -9.04 -7.77 47.68
C GLU A 167 -7.65 -8.21 47.19
N ALA A 168 -7.34 -7.93 45.93
CA ALA A 168 -6.02 -8.28 45.40
C ALA A 168 -4.91 -7.54 46.14
N THR A 169 -5.12 -6.25 46.45
CA THR A 169 -4.09 -5.52 47.18
C THR A 169 -3.94 -6.04 48.60
N ARG A 170 -5.02 -6.49 49.23
CA ARG A 170 -4.90 -7.09 50.56
C ARG A 170 -4.12 -8.39 50.51
N LYS A 171 -4.39 -9.22 49.50
CA LYS A 171 -3.64 -10.47 49.36
C LYS A 171 -2.17 -10.22 49.10
N LEU A 172 -1.86 -9.21 48.27
CA LEU A 172 -0.46 -8.81 48.11
C LEU A 172 0.13 -8.21 49.38
N ASN A 173 -0.71 -7.59 50.21
CA ASN A 173 -0.26 -7.03 51.47
C ASN A 173 0.19 -8.12 52.43
N GLU A 174 -0.54 -9.23 52.45
CA GLU A 174 -0.26 -10.30 53.41
C GLU A 174 1.02 -11.09 53.07
N GLN A 175 1.78 -10.64 52.08
CA GLN A 175 3.03 -11.30 51.72
C GLN A 175 4.23 -10.36 51.76
N GLY A 176 4.09 -9.16 52.29
CA GLY A 176 5.21 -8.26 52.43
C GLY A 176 5.49 -7.38 51.24
N HIS A 177 4.51 -7.15 50.37
CA HIS A 177 4.66 -6.25 49.24
C HIS A 177 3.64 -5.13 49.37
N PHE A 178 4.12 -3.89 49.46
CA PHE A 178 3.24 -2.74 49.64
C PHE A 178 3.50 -1.64 48.63
N GLY A 179 4.41 -1.81 47.69
CA GLY A 179 4.79 -0.76 46.78
C GLY A 179 3.65 -0.33 45.89
N PRO A 180 3.87 0.73 45.10
CA PRO A 180 2.83 1.19 44.17
C PRO A 180 2.44 0.09 43.20
N TYR A 181 1.13 -0.05 42.98
CA TYR A 181 0.58 -1.14 42.21
C TYR A 181 0.26 -0.69 40.79
N ALA A 182 0.23 -1.65 39.87
CA ALA A 182 -0.19 -1.40 38.49
C ALA A 182 -1.20 -2.46 38.09
N VAL A 183 -2.17 -2.06 37.28
CA VAL A 183 -3.29 -2.93 36.89
C VAL A 183 -3.35 -2.97 35.37
N VAL A 184 -3.49 -4.18 34.82
CA VAL A 184 -3.70 -4.39 33.39
C VAL A 184 -4.94 -5.24 33.20
N LEU A 185 -5.82 -4.81 32.29
CA LEU A 185 -7.12 -5.44 32.10
C LEU A 185 -7.36 -5.72 30.62
N SER A 186 -8.34 -6.60 30.36
CA SER A 186 -8.80 -6.84 29.00
C SER A 186 -9.77 -5.74 28.57
N PRO A 187 -10.00 -5.61 27.26
CA PRO A 187 -10.96 -4.59 26.78
C PRO A 187 -12.37 -4.66 27.37
N ARG A 188 -12.92 -5.85 27.61
CA ARG A 188 -14.25 -5.91 28.26
C ARG A 188 -14.23 -5.22 29.64
N LEU A 189 -13.21 -5.45 30.50
CA LEU A 189 -13.20 -4.86 31.83
C LEU A 189 -12.86 -3.37 31.72
N TYR A 190 -11.90 -3.03 30.86
CA TYR A 190 -11.53 -1.63 30.69
C TYR A 190 -12.71 -0.79 30.22
N SER A 191 -13.51 -1.32 29.29
CA SER A 191 -14.69 -0.58 28.85
C SER A 191 -15.77 -0.57 29.94
N GLN A 192 -15.93 -1.67 30.67
CA GLN A 192 -16.96 -1.68 31.70
C GLN A 192 -16.63 -0.76 32.87
N LEU A 193 -15.38 -0.38 33.06
CA LEU A 193 -15.01 0.54 34.13
C LEU A 193 -15.29 2.00 33.80
N HIS A 194 -16.03 2.28 32.72
CA HIS A 194 -16.26 3.65 32.28
C HIS A 194 -17.70 4.11 32.53
N ARG A 195 -18.28 3.74 33.66
CA ARG A 195 -19.61 4.20 34.06
C ARG A 195 -19.51 5.01 35.34
N ILE A 196 -20.62 5.67 35.69
CA ILE A 196 -20.68 6.51 36.87
C ILE A 196 -21.04 5.67 38.08
N TYR A 197 -20.24 5.80 39.15
CA TYR A 197 -20.50 5.10 40.40
C TYR A 197 -21.32 6.01 41.31
N GLU A 198 -22.51 5.54 41.69
CA GLU A 198 -23.42 6.40 42.45
C GLU A 198 -22.95 6.62 43.88
N LYS A 199 -22.14 5.71 44.41
CA LYS A 199 -21.56 5.90 45.75
C LYS A 199 -20.52 7.01 45.78
N THR A 200 -20.05 7.46 44.63
CA THR A 200 -18.97 8.45 44.58
C THR A 200 -19.35 9.62 43.69
N GLY A 201 -20.16 9.37 42.67
CA GLY A 201 -20.56 10.41 41.74
C GLY A 201 -19.59 10.67 40.61
N VAL A 202 -18.56 9.85 40.44
CA VAL A 202 -17.59 9.99 39.38
C VAL A 202 -17.49 8.67 38.63
N LEU A 203 -16.61 8.64 37.62
CA LEU A 203 -16.36 7.43 36.86
C LEU A 203 -15.59 6.43 37.71
N GLU A 204 -15.96 5.15 37.59
CA GLU A 204 -15.33 4.10 38.39
C GLU A 204 -13.84 3.98 38.13
N ILE A 205 -13.38 4.32 36.93
CA ILE A 205 -11.97 4.21 36.60
C ILE A 205 -11.13 5.15 37.47
N GLU A 206 -11.71 6.29 37.88
CA GLU A 206 -10.93 7.29 38.60
C GLU A 206 -10.61 6.88 40.03
N THR A 207 -11.43 6.04 40.66
CA THR A 207 -11.10 5.52 41.97
C THR A 207 -9.97 4.50 41.89
N ILE A 208 -10.01 3.62 40.88
CA ILE A 208 -8.96 2.65 40.70
C ILE A 208 -7.65 3.33 40.33
N ARG A 209 -7.72 4.46 39.60
CA ARG A 209 -6.51 5.20 39.31
C ARG A 209 -5.88 5.80 40.55
N GLN A 210 -6.66 6.07 41.59
CA GLN A 210 -6.10 6.49 42.87
C GLN A 210 -5.57 5.31 43.67
N LEU A 211 -6.25 4.16 43.58
CA LEU A 211 -5.78 2.96 44.26
C LEU A 211 -4.43 2.50 43.73
N ALA A 212 -4.25 2.54 42.41
CA ALA A 212 -3.03 2.01 41.80
C ALA A 212 -1.86 3.00 41.89
N SER A 213 -2.03 4.17 41.27
CA SER A 213 -1.08 5.28 41.29
C SER A 213 0.14 5.01 40.43
N ASP A 214 0.25 3.81 39.87
CA ASP A 214 1.30 3.56 38.88
C ASP A 214 0.74 3.30 37.49
N GLY A 215 -0.56 3.02 37.37
CA GLY A 215 -1.21 2.93 36.09
C GLY A 215 -2.29 1.87 35.98
N VAL A 216 -3.33 2.17 35.20
CA VAL A 216 -4.33 1.21 34.78
C VAL A 216 -4.30 1.18 33.26
N TYR A 217 -4.08 0.01 32.69
CA TYR A 217 -3.90 -0.13 31.24
C TYR A 217 -4.77 -1.26 30.72
N GLN A 218 -4.91 -1.30 29.40
CA GLN A 218 -5.59 -2.37 28.71
C GLN A 218 -4.67 -2.98 27.67
N SER A 219 -4.85 -4.28 27.42
CA SER A 219 -4.07 -4.99 26.42
C SER A 219 -4.97 -6.01 25.73
N ASN A 220 -4.89 -6.08 24.40
CA ASN A 220 -5.69 -7.04 23.66
C ASN A 220 -5.09 -8.43 23.65
N ARG A 221 -3.89 -8.61 24.22
CA ARG A 221 -3.34 -9.96 24.38
C ARG A 221 -4.11 -10.75 25.43
N LEU A 222 -4.64 -10.07 26.44
CA LEU A 222 -5.42 -10.73 27.48
C LEU A 222 -6.71 -11.29 26.88
N ARG A 223 -7.11 -12.46 27.37
CA ARG A 223 -8.20 -13.22 26.79
C ARG A 223 -9.44 -13.15 27.67
N GLY A 224 -10.59 -12.93 27.03
CA GLY A 224 -11.85 -12.91 27.74
C GLY A 224 -11.89 -11.83 28.80
N GLU A 225 -12.32 -12.21 30.00
CA GLU A 225 -12.32 -11.32 31.16
C GLU A 225 -11.14 -11.72 32.04
N SER A 226 -10.06 -10.96 31.94
CA SER A 226 -8.83 -11.28 32.66
C SER A 226 -8.16 -9.99 33.09
N GLY A 227 -7.39 -10.08 34.18
CA GLY A 227 -6.67 -8.92 34.66
C GLY A 227 -5.56 -9.33 35.61
N VAL A 228 -4.60 -8.43 35.77
CA VAL A 228 -3.44 -8.67 36.61
C VAL A 228 -3.11 -7.41 37.39
N VAL A 229 -2.74 -7.59 38.66
CA VAL A 229 -2.24 -6.52 39.53
C VAL A 229 -0.83 -6.90 39.95
N VAL A 230 0.12 -5.99 39.75
CA VAL A 230 1.51 -6.27 40.06
C VAL A 230 2.06 -5.18 40.98
N SER A 231 3.01 -5.57 41.83
CA SER A 231 3.78 -4.64 42.64
C SER A 231 5.11 -4.37 41.94
N THR A 232 5.37 -3.11 41.61
CA THR A 232 6.47 -2.77 40.73
C THR A 232 7.78 -2.62 41.49
N GLY A 233 8.88 -2.58 40.74
CA GLY A 233 10.20 -2.46 41.31
C GLY A 233 11.22 -3.37 40.65
N ARG A 234 12.47 -2.91 40.54
CA ARG A 234 13.52 -3.70 39.91
C ARG A 234 13.77 -5.01 40.63
N GLU A 235 13.48 -5.09 41.92
CA GLU A 235 13.77 -6.25 42.73
C GLU A 235 12.73 -7.35 42.59
N ASN A 236 11.62 -7.09 41.91
CA ASN A 236 10.58 -8.09 41.72
C ASN A 236 10.52 -8.64 40.29
N MET A 237 10.72 -7.78 39.29
CA MET A 237 10.67 -8.21 37.91
C MET A 237 11.34 -7.14 37.06
N ASP A 238 11.85 -7.55 35.91
CA ASP A 238 12.41 -6.58 34.97
C ASP A 238 12.52 -7.21 33.58
N LEU A 239 13.05 -6.43 32.65
CA LEU A 239 13.25 -6.82 31.27
C LEU A 239 14.73 -6.68 30.93
N ALA A 240 15.34 -7.78 30.49
CA ALA A 240 16.73 -7.77 30.05
C ALA A 240 16.75 -7.80 28.53
N VAL A 241 17.25 -6.72 27.92
CA VAL A 241 17.26 -6.57 26.48
C VAL A 241 18.71 -6.48 26.02
N SER A 242 19.06 -7.25 24.99
CA SER A 242 20.40 -7.20 24.43
C SER A 242 20.48 -6.35 23.17
N MET A 243 19.41 -6.29 22.39
CA MET A 243 19.37 -5.45 21.20
C MET A 243 17.94 -4.95 21.02
N ASP A 244 17.79 -3.65 20.80
CA ASP A 244 16.48 -3.05 20.60
C ASP A 244 16.04 -3.22 19.14
N MET A 245 14.77 -2.88 18.89
CA MET A 245 14.16 -3.12 17.57
C MET A 245 14.94 -2.42 16.47
N VAL A 246 15.23 -3.17 15.40
CA VAL A 246 16.03 -2.65 14.30
C VAL A 246 15.65 -3.37 13.01
N ALA A 247 16.10 -2.86 11.87
CA ALA A 247 15.82 -3.44 10.56
C ALA A 247 17.10 -3.85 9.84
N ALA A 248 17.02 -4.96 9.10
CA ALA A 248 18.17 -5.54 8.42
C ALA A 248 17.78 -6.09 7.06
N TYR A 249 18.65 -5.89 6.07
CA TYR A 249 18.44 -6.39 4.71
C TYR A 249 18.82 -7.86 4.64
N LEU A 250 17.97 -8.68 4.01
CA LEU A 250 18.18 -10.12 3.99
C LEU A 250 18.84 -10.63 2.71
N GLY A 251 19.13 -9.76 1.75
CA GLY A 251 19.71 -10.20 0.49
C GLY A 251 18.66 -10.46 -0.57
N ALA A 252 18.96 -10.09 -1.82
CA ALA A 252 17.95 -10.12 -2.86
C ALA A 252 17.51 -11.53 -3.19
N SER A 253 16.23 -11.68 -3.51
CA SER A 253 15.66 -12.96 -3.92
C SER A 253 14.56 -12.71 -4.94
N ARG A 254 14.68 -13.34 -6.11
CA ARG A 254 13.78 -13.15 -7.24
C ARG A 254 13.71 -11.69 -7.71
N MET A 255 14.83 -10.98 -7.63
CA MET A 255 14.98 -9.59 -8.08
C MET A 255 14.34 -8.60 -7.11
N ASN A 256 13.63 -9.09 -6.10
CA ASN A 256 12.97 -8.25 -5.11
C ASN A 256 13.82 -8.17 -3.85
N HIS A 257 13.44 -7.27 -2.94
CA HIS A 257 14.28 -6.98 -1.77
C HIS A 257 13.56 -7.29 -0.46
N PRO A 258 13.97 -8.32 0.28
CA PRO A 258 13.36 -8.59 1.59
C PRO A 258 14.13 -8.01 2.78
N PHE A 259 13.40 -7.60 3.80
CA PHE A 259 13.95 -7.03 5.02
C PHE A 259 13.32 -7.69 6.24
N ARG A 260 13.98 -7.52 7.38
CA ARG A 260 13.54 -8.08 8.66
C ARG A 260 13.62 -7.02 9.74
N VAL A 261 12.61 -6.98 10.61
CA VAL A 261 12.66 -6.18 11.83
C VAL A 261 12.75 -7.14 13.01
N LEU A 262 13.68 -6.85 13.93
CA LEU A 262 14.02 -7.83 14.95
C LEU A 262 14.49 -7.15 16.24
N GLU A 263 14.40 -7.91 17.32
CA GLU A 263 14.87 -7.50 18.65
C GLU A 263 15.17 -8.75 19.47
N ALA A 264 15.85 -8.54 20.60
CA ALA A 264 16.24 -9.63 21.50
C ALA A 264 16.07 -9.19 22.95
N LEU A 265 15.12 -9.81 23.66
CA LEU A 265 14.84 -9.45 25.05
C LEU A 265 14.21 -10.63 25.78
N LEU A 266 14.24 -10.56 27.11
CA LEU A 266 13.72 -11.59 27.99
C LEU A 266 13.12 -10.95 29.24
N LEU A 267 12.14 -11.63 29.84
CA LEU A 267 11.49 -11.15 31.05
C LEU A 267 11.95 -11.96 32.25
N ARG A 268 12.38 -11.28 33.31
CA ARG A 268 12.88 -11.93 34.52
C ARG A 268 11.90 -11.65 35.66
N ILE A 269 11.37 -12.71 36.26
CA ILE A 269 10.48 -12.64 37.41
C ILE A 269 11.27 -13.16 38.61
N LYS A 270 11.74 -12.25 39.47
CA LYS A 270 12.55 -12.65 40.61
C LYS A 270 11.70 -12.95 41.84
N HIS A 271 10.62 -12.20 42.03
CA HIS A 271 9.68 -12.44 43.14
C HIS A 271 8.33 -12.82 42.56
N PRO A 272 8.01 -14.11 42.47
CA PRO A 272 6.75 -14.51 41.83
C PRO A 272 5.50 -14.20 42.65
N ASP A 273 5.65 -13.80 43.91
CA ASP A 273 4.49 -13.48 44.74
C ASP A 273 4.11 -12.00 44.70
N ALA A 274 4.82 -11.19 43.91
CA ALA A 274 4.46 -9.79 43.70
C ALA A 274 3.44 -9.60 42.58
N ILE A 275 2.72 -10.67 42.23
CA ILE A 275 1.73 -10.68 41.17
C ILE A 275 0.41 -11.14 41.79
N CYS A 276 -0.71 -10.82 41.12
CA CYS A 276 -2.01 -11.36 41.52
C CYS A 276 -2.93 -11.32 40.32
N THR A 277 -3.44 -12.48 39.92
CA THR A 277 -4.30 -12.56 38.74
C THR A 277 -5.77 -12.69 39.14
N LEU A 278 -6.63 -12.05 38.35
CA LEU A 278 -8.06 -12.08 38.60
C LEU A 278 -8.74 -13.17 37.77
N PRO B 2 40.08 -18.24 -6.59
CA PRO B 2 39.99 -17.08 -5.69
C PRO B 2 38.64 -16.36 -5.78
N ASP B 3 38.19 -16.06 -6.99
CA ASP B 3 36.95 -15.30 -7.15
C ASP B 3 35.73 -16.15 -6.82
N PHE B 4 35.81 -17.46 -7.02
CA PHE B 4 34.67 -18.33 -6.79
C PHE B 4 34.54 -18.78 -5.34
N LEU B 5 35.38 -18.26 -4.44
CA LEU B 5 35.38 -18.67 -3.04
C LEU B 5 34.51 -17.77 -2.16
N GLY B 6 33.79 -16.82 -2.75
CA GLY B 6 32.92 -15.96 -1.98
C GLY B 6 31.75 -15.48 -2.83
N HIS B 7 30.81 -14.80 -2.16
CA HIS B 7 29.70 -14.19 -2.86
C HIS B 7 30.18 -13.04 -3.72
N ALA B 8 29.53 -12.84 -4.86
CA ALA B 8 29.95 -11.84 -5.83
C ALA B 8 28.77 -10.98 -6.26
N GLU B 9 29.08 -9.73 -6.60
CA GLU B 9 28.09 -8.82 -7.16
C GLU B 9 27.78 -9.17 -8.61
N ASN B 10 28.82 -9.36 -9.42
CA ASN B 10 28.69 -9.64 -10.84
C ASN B 10 29.72 -10.68 -11.24
N PRO B 11 29.31 -11.87 -11.68
CA PRO B 11 30.27 -12.94 -11.96
C PRO B 11 30.82 -12.99 -13.38
N LEU B 12 30.36 -12.15 -14.29
CA LEU B 12 30.74 -12.23 -15.69
C LEU B 12 31.53 -10.99 -16.10
N ARG B 13 32.16 -11.08 -17.26
CA ARG B 13 32.83 -9.96 -17.88
C ARG B 13 32.01 -9.41 -19.04
N GLU B 14 32.51 -8.34 -19.64
CA GLU B 14 31.76 -7.62 -20.68
C GLU B 14 31.51 -8.51 -21.89
N GLU B 15 32.53 -9.27 -22.31
CA GLU B 15 32.40 -10.11 -23.49
C GLU B 15 31.37 -11.22 -23.25
N GLU B 16 31.39 -11.82 -22.06
CA GLU B 16 30.44 -12.87 -21.74
C GLU B 16 29.02 -12.32 -21.67
N TRP B 17 28.85 -11.13 -21.08
CA TRP B 17 27.53 -10.49 -21.06
C TRP B 17 27.05 -10.23 -22.49
N ALA B 18 27.94 -9.74 -23.34
CA ALA B 18 27.57 -9.44 -24.73
C ALA B 18 27.15 -10.70 -25.48
N ARG B 19 27.89 -11.79 -25.30
CA ARG B 19 27.53 -13.04 -25.95
C ARG B 19 26.18 -13.55 -25.47
N LEU B 20 25.92 -13.46 -24.16
CA LEU B 20 24.63 -13.86 -23.62
C LEU B 20 23.49 -13.06 -24.25
N ASN B 21 23.63 -11.74 -24.29
CA ASN B 21 22.57 -10.89 -24.83
C ASN B 21 22.37 -11.13 -26.31
N GLU B 22 23.46 -11.35 -27.06
CA GLU B 22 23.33 -11.64 -28.49
C GLU B 22 22.57 -12.94 -28.72
N THR B 23 22.86 -13.98 -27.93
CA THR B 23 22.13 -15.23 -28.07
C THR B 23 20.65 -15.03 -27.81
N VAL B 24 20.31 -14.28 -26.75
CA VAL B 24 18.91 -14.04 -26.44
C VAL B 24 18.22 -13.32 -27.59
N ILE B 25 18.86 -12.27 -28.12
CA ILE B 25 18.26 -11.49 -29.19
C ILE B 25 18.02 -12.35 -30.42
N GLN B 26 19.03 -13.15 -30.81
CA GLN B 26 18.89 -13.95 -32.03
C GLN B 26 17.77 -14.97 -31.90
N VAL B 27 17.70 -15.67 -30.76
CA VAL B 27 16.66 -16.69 -30.60
C VAL B 27 15.28 -16.03 -30.59
N ALA B 28 15.13 -14.90 -29.88
CA ALA B 28 13.84 -14.23 -29.84
C ALA B 28 13.42 -13.75 -31.22
N ARG B 29 14.35 -13.18 -31.98
CA ARG B 29 14.03 -12.71 -33.32
C ARG B 29 13.62 -13.84 -34.24
N ARG B 30 14.21 -15.02 -34.11
CA ARG B 30 13.80 -16.15 -34.94
C ARG B 30 12.53 -16.82 -34.44
N SER B 31 12.11 -16.55 -33.21
CA SER B 31 10.94 -17.24 -32.66
C SER B 31 9.66 -16.42 -32.57
N LEU B 32 9.73 -15.09 -32.56
CA LEU B 32 8.56 -14.26 -32.26
C LEU B 32 7.62 -14.18 -33.45
N VAL B 33 6.32 -14.08 -33.18
CA VAL B 33 5.29 -14.02 -34.22
C VAL B 33 4.43 -12.77 -34.08
N GLY B 34 3.99 -12.44 -32.87
CA GLY B 34 3.11 -11.29 -32.69
C GLY B 34 3.80 -9.97 -32.98
N ARG B 35 5.06 -9.84 -32.56
CA ARG B 35 5.83 -8.64 -32.89
C ARG B 35 5.98 -8.44 -34.38
N ARG B 36 5.76 -9.48 -35.18
CA ARG B 36 5.74 -9.29 -36.62
C ARG B 36 4.54 -8.47 -37.04
N ILE B 37 3.35 -8.72 -36.49
CA ILE B 37 2.15 -8.10 -37.01
C ILE B 37 1.76 -6.86 -36.22
N LEU B 38 2.43 -6.58 -35.11
CA LEU B 38 2.09 -5.42 -34.32
C LEU B 38 3.17 -4.35 -34.42
N ASP B 39 2.77 -3.10 -34.19
CA ASP B 39 3.70 -1.98 -34.10
C ASP B 39 4.11 -1.77 -32.65
N ILE B 40 5.16 -0.99 -32.46
CA ILE B 40 5.74 -0.74 -31.14
C ILE B 40 5.56 0.72 -30.79
N TYR B 41 4.94 0.99 -29.65
CA TYR B 41 4.80 2.35 -29.14
C TYR B 41 6.18 2.94 -28.91
N GLY B 42 6.94 2.36 -27.99
CA GLY B 42 8.31 2.77 -27.76
C GLY B 42 8.80 2.37 -26.40
N PRO B 43 10.10 2.44 -26.17
CA PRO B 43 10.64 2.08 -24.85
C PRO B 43 10.30 3.14 -23.81
N LEU B 44 9.35 2.79 -22.92
CA LEU B 44 8.87 3.76 -21.94
C LEU B 44 9.83 3.91 -20.77
N GLY B 45 10.49 2.83 -20.37
CA GLY B 45 11.35 2.85 -19.21
C GLY B 45 10.94 1.81 -18.19
N ALA B 46 11.89 1.33 -17.39
CA ALA B 46 11.59 0.30 -16.40
C ALA B 46 10.74 0.84 -15.24
N GLY B 47 10.93 2.11 -14.87
CA GLY B 47 10.17 2.69 -13.78
C GLY B 47 8.71 2.92 -14.09
N VAL B 48 8.34 2.99 -15.35
CA VAL B 48 6.95 3.21 -15.76
C VAL B 48 6.20 1.89 -15.67
N GLN B 49 5.11 1.87 -14.90
CA GLN B 49 4.35 0.63 -14.70
C GLN B 49 2.91 0.72 -15.16
N THR B 50 2.43 1.89 -15.55
CA THR B 50 1.06 2.06 -16.03
C THR B 50 1.08 2.77 -17.38
N VAL B 51 0.08 2.47 -18.19
CA VAL B 51 -0.03 3.05 -19.53
C VAL B 51 -1.49 3.41 -19.80
N PRO B 52 -1.77 4.52 -20.51
CA PRO B 52 -3.15 4.84 -20.87
C PRO B 52 -3.73 3.82 -21.84
N TYR B 53 -5.04 3.61 -21.73
CA TYR B 53 -5.75 2.59 -22.50
C TYR B 53 -7.03 3.22 -23.07
N ASP B 54 -6.93 3.79 -24.26
CA ASP B 54 -8.03 4.51 -24.90
C ASP B 54 -8.75 3.63 -25.91
N GLU B 55 -10.02 3.95 -26.16
CA GLU B 55 -10.83 3.25 -27.13
C GLU B 55 -11.63 4.24 -27.97
N PHE B 56 -11.65 4.01 -29.27
CA PHE B 56 -12.41 4.85 -30.21
C PHE B 56 -13.49 3.99 -30.86
N GLN B 57 -14.70 4.54 -30.93
CA GLN B 57 -15.83 3.86 -31.56
C GLN B 57 -16.42 4.75 -32.65
N GLY B 58 -16.62 4.16 -33.83
CA GLY B 58 -17.18 4.89 -34.95
C GLY B 58 -16.13 5.69 -35.70
N VAL B 59 -16.55 6.21 -36.85
CA VAL B 59 -15.70 7.03 -37.71
C VAL B 59 -16.53 8.20 -38.23
N SER B 60 -15.92 9.42 -38.24
CA SER B 60 -16.50 10.60 -38.85
C SER B 60 -15.75 10.93 -40.15
N PRO B 61 -16.47 11.40 -41.18
CA PRO B 61 -15.86 11.46 -42.51
C PRO B 61 -14.74 12.49 -42.68
N GLY B 62 -14.98 13.75 -42.37
CA GLY B 62 -14.08 14.82 -42.73
C GLY B 62 -14.73 15.79 -43.71
N ALA B 63 -13.98 16.83 -44.07
CA ALA B 63 -14.56 17.95 -44.79
C ALA B 63 -13.64 18.45 -45.89
N VAL B 64 -14.25 19.08 -46.89
CA VAL B 64 -13.56 19.76 -47.99
C VAL B 64 -14.21 21.12 -48.17
N ASP B 65 -13.41 22.18 -48.12
CA ASP B 65 -13.94 23.53 -48.16
C ASP B 65 -12.86 24.51 -48.60
N ILE B 66 -13.29 25.63 -49.21
CA ILE B 66 -12.34 26.66 -49.75
C ILE B 66 -11.78 27.58 -48.66
N VAL B 67 -12.57 28.01 -47.69
CA VAL B 67 -12.04 28.86 -46.57
C VAL B 67 -11.79 28.00 -45.33
N GLY B 68 -12.49 26.87 -45.19
CA GLY B 68 -12.26 25.96 -44.06
C GLY B 68 -13.20 26.20 -42.88
N GLU B 69 -14.42 26.68 -43.13
CA GLU B 69 -15.33 26.99 -42.05
C GLU B 69 -16.33 25.89 -41.75
N GLN B 70 -16.34 24.81 -42.54
CA GLN B 70 -17.23 23.69 -42.24
C GLN B 70 -16.76 23.00 -40.96
N GLU B 71 -17.73 22.41 -40.25
CA GLU B 71 -17.49 21.83 -38.94
C GLU B 71 -17.50 20.31 -39.01
N THR B 72 -16.53 19.68 -38.35
CA THR B 72 -16.47 18.24 -38.20
C THR B 72 -16.17 17.89 -36.75
N ALA B 73 -16.65 16.73 -36.29
CA ALA B 73 -16.34 16.28 -34.91
C ALA B 73 -14.83 16.04 -34.77
N MET B 74 -14.29 16.21 -33.57
CA MET B 74 -12.85 15.95 -33.31
C MET B 74 -12.59 14.46 -32.97
N VAL B 75 -11.33 14.06 -32.91
CA VAL B 75 -10.95 12.65 -32.56
C VAL B 75 -10.30 12.69 -31.16
N PHE B 76 -10.85 11.98 -30.17
CA PHE B 76 -10.31 12.05 -28.79
C PHE B 76 -10.29 10.68 -28.12
N THR B 77 -11.35 10.33 -27.41
CA THR B 77 -11.48 9.02 -26.77
C THR B 77 -12.90 8.91 -26.25
N ASP B 78 -13.46 7.70 -26.19
CA ASP B 78 -14.76 7.55 -25.55
C ASP B 78 -14.63 7.31 -24.05
N ALA B 79 -13.53 6.69 -23.61
CA ALA B 79 -13.32 6.40 -22.20
C ALA B 79 -11.85 6.12 -21.95
N ARG B 80 -11.28 6.94 -21.05
CA ARG B 80 -9.85 6.82 -20.72
C ARG B 80 -9.68 5.91 -19.50
N LYS B 81 -8.89 4.84 -19.65
CA LYS B 81 -8.61 3.93 -18.53
C LYS B 81 -7.10 3.82 -18.47
N PHE B 82 -6.54 3.45 -17.32
CA PHE B 82 -5.09 3.20 -17.27
C PHE B 82 -4.94 1.71 -16.96
N LYS B 83 -3.91 1.07 -17.52
CA LYS B 83 -3.67 -0.37 -17.23
C LYS B 83 -2.22 -0.58 -16.79
N THR B 84 -1.98 -1.65 -16.04
CA THR B 84 -0.67 -1.97 -15.51
C THR B 84 0.07 -2.93 -16.44
N ILE B 85 1.39 -2.80 -16.47
CA ILE B 85 2.24 -3.56 -17.40
C ILE B 85 2.81 -4.76 -16.65
N PRO B 86 2.56 -5.99 -17.09
CA PRO B 86 3.10 -7.17 -16.41
C PRO B 86 4.53 -7.48 -16.82
N ILE B 87 5.03 -8.61 -16.33
CA ILE B 87 6.38 -9.09 -16.58
C ILE B 87 6.32 -10.52 -17.09
N ILE B 88 7.12 -10.83 -18.12
CA ILE B 88 7.25 -12.18 -18.66
C ILE B 88 8.70 -12.60 -18.51
N TYR B 89 8.94 -13.80 -17.99
CA TYR B 89 10.30 -14.19 -17.62
C TYR B 89 10.45 -15.72 -17.63
N LYS B 90 11.72 -16.14 -17.64
CA LYS B 90 12.12 -17.54 -17.54
C LYS B 90 13.52 -17.59 -16.91
N ASP B 91 13.88 -18.74 -16.34
CA ASP B 91 15.11 -18.86 -15.57
C ASP B 91 16.02 -19.96 -16.11
N PHE B 92 17.33 -19.77 -15.94
CA PHE B 92 18.32 -20.78 -16.31
C PHE B 92 19.52 -20.68 -15.37
N LEU B 93 20.41 -21.69 -15.45
CA LEU B 93 21.52 -21.84 -14.52
C LEU B 93 22.82 -22.12 -15.26
N LEU B 94 23.93 -21.67 -14.68
CA LEU B 94 25.27 -21.92 -15.22
C LEU B 94 26.18 -22.48 -14.14
N HIS B 95 27.09 -23.36 -14.55
CA HIS B 95 28.06 -23.96 -13.64
C HIS B 95 29.36 -23.17 -13.62
N TRP B 96 29.96 -23.03 -12.43
CA TRP B 96 31.10 -22.12 -12.28
C TRP B 96 32.36 -22.66 -12.95
N ARG B 97 32.53 -23.98 -12.96
CA ARG B 97 33.70 -24.55 -13.62
C ARG B 97 33.65 -24.33 -15.12
N ASP B 98 32.46 -24.13 -15.70
CA ASP B 98 32.39 -23.79 -17.12
C ASP B 98 32.93 -22.40 -17.39
N ILE B 99 32.61 -21.43 -16.53
CA ILE B 99 33.18 -20.09 -16.68
C ILE B 99 34.70 -20.15 -16.53
N GLU B 100 35.17 -20.91 -15.53
CA GLU B 100 36.61 -21.06 -15.36
C GLU B 100 37.27 -21.70 -16.58
N ALA B 101 36.63 -22.73 -17.15
CA ALA B 101 37.17 -23.40 -18.32
C ALA B 101 37.23 -22.47 -19.51
N ALA B 102 36.19 -21.67 -19.72
CA ALA B 102 36.19 -20.71 -20.82
C ALA B 102 37.33 -19.71 -20.65
N ARG B 103 37.60 -19.22 -19.46
CA ARG B 103 38.66 -18.18 -19.35
C ARG B 103 40.08 -18.79 -19.47
N THR B 104 40.23 -20.09 -19.21
CA THR B 104 41.57 -20.75 -19.25
C THR B 104 41.92 -21.21 -20.67
N HIS B 105 40.95 -21.72 -21.42
CA HIS B 105 41.19 -22.17 -22.81
C HIS B 105 40.96 -21.01 -23.78
N ASN B 106 40.41 -19.87 -23.32
CA ASN B 106 40.27 -18.75 -24.25
C ASN B 106 39.29 -19.09 -25.37
N MET B 107 38.16 -19.68 -24.99
CA MET B 107 37.13 -20.09 -25.91
C MET B 107 35.79 -19.47 -25.53
N PRO B 108 34.86 -19.35 -26.48
CA PRO B 108 33.55 -18.75 -26.16
C PRO B 108 32.76 -19.58 -25.15
N LEU B 109 31.96 -18.88 -24.35
CA LEU B 109 31.15 -19.51 -23.32
C LEU B 109 29.94 -20.22 -23.91
N ASP B 110 29.50 -21.28 -23.25
CA ASP B 110 28.40 -22.11 -23.74
C ASP B 110 27.08 -21.66 -23.13
N VAL B 111 26.10 -21.35 -23.98
CA VAL B 111 24.90 -20.64 -23.57
C VAL B 111 23.62 -21.34 -24.02
N SER B 112 23.68 -22.68 -24.11
CA SER B 112 22.53 -23.46 -24.57
C SER B 112 21.31 -23.29 -23.66
N ALA B 113 21.53 -23.24 -22.34
CA ALA B 113 20.42 -23.03 -21.41
C ALA B 113 19.79 -21.67 -21.62
N ALA B 114 20.61 -20.64 -21.88
CA ALA B 114 20.06 -19.31 -22.16
C ALA B 114 19.21 -19.31 -23.42
N ALA B 115 19.66 -20.01 -24.47
CA ALA B 115 18.84 -20.12 -25.67
C ALA B 115 17.53 -20.82 -25.38
N GLY B 116 17.58 -21.92 -24.63
CA GLY B 116 16.37 -22.65 -24.30
C GLY B 116 15.39 -21.83 -23.48
N ALA B 117 15.90 -20.95 -22.62
CA ALA B 117 15.02 -20.09 -21.84
C ALA B 117 14.42 -18.98 -22.70
N ALA B 118 15.22 -18.41 -23.62
CA ALA B 118 14.71 -17.36 -24.48
C ALA B 118 13.56 -17.86 -25.36
N ALA B 119 13.68 -19.10 -25.85
CA ALA B 119 12.60 -19.64 -26.67
C ALA B 119 11.29 -19.72 -25.89
N LEU B 120 11.35 -20.17 -24.64
CA LEU B 120 10.15 -20.30 -23.83
C LEU B 120 9.57 -18.95 -23.45
N CYS B 121 10.43 -17.96 -23.21
CA CYS B 121 9.95 -16.61 -22.93
C CYS B 121 9.20 -16.05 -24.15
N ALA B 122 9.74 -16.28 -25.36
CA ALA B 122 9.04 -15.84 -26.56
C ALA B 122 7.70 -16.53 -26.72
N GLN B 123 7.64 -17.83 -26.44
CA GLN B 123 6.37 -18.55 -26.49
C GLN B 123 5.35 -17.99 -25.51
N GLN B 124 5.79 -17.64 -24.29
CA GLN B 124 4.88 -17.01 -23.33
C GLN B 124 4.39 -15.66 -23.80
N GLU B 125 5.26 -14.86 -24.42
CA GLU B 125 4.81 -13.57 -24.96
C GLU B 125 3.74 -13.76 -26.04
N ASP B 126 3.94 -14.73 -26.93
CA ASP B 126 2.93 -14.98 -27.96
C ASP B 126 1.62 -15.47 -27.35
N GLU B 127 1.68 -16.30 -26.31
CA GLU B 127 0.46 -16.72 -25.62
C GLU B 127 -0.27 -15.53 -25.03
N LEU B 128 0.46 -14.60 -24.40
CA LEU B 128 -0.16 -13.40 -23.85
C LEU B 128 -0.80 -12.55 -24.94
N ILE B 129 -0.14 -12.44 -26.09
CA ILE B 129 -0.69 -11.62 -27.17
C ILE B 129 -1.98 -12.23 -27.72
N PHE B 130 -2.00 -13.54 -27.93
CA PHE B 130 -3.17 -14.12 -28.59
C PHE B 130 -4.33 -14.40 -27.64
N TYR B 131 -4.05 -14.81 -26.41
CA TYR B 131 -5.07 -14.94 -25.38
C TYR B 131 -4.67 -14.07 -24.20
N GLY B 132 -5.66 -13.55 -23.48
CA GLY B 132 -5.34 -12.64 -22.40
C GLY B 132 -4.85 -13.36 -21.15
N ASP B 133 -5.31 -12.93 -19.99
CA ASP B 133 -4.93 -13.59 -18.76
C ASP B 133 -6.12 -14.09 -17.96
N ALA B 134 -7.21 -13.32 -17.92
CA ALA B 134 -8.47 -13.69 -17.29
C ALA B 134 -8.37 -13.71 -15.77
N ARG B 135 -7.15 -13.58 -15.24
CA ARG B 135 -6.97 -13.30 -13.83
C ARG B 135 -6.65 -11.84 -13.62
N LEU B 136 -5.82 -11.29 -14.49
CA LEU B 136 -5.35 -9.92 -14.36
C LEU B 136 -6.16 -8.94 -15.20
N GLY B 137 -7.21 -9.41 -15.87
CA GLY B 137 -8.06 -8.54 -16.66
C GLY B 137 -7.50 -8.10 -17.99
N TYR B 138 -6.75 -8.97 -18.66
CA TYR B 138 -6.20 -8.68 -19.97
C TYR B 138 -6.97 -9.44 -21.05
N GLU B 139 -7.07 -8.84 -22.23
CA GLU B 139 -7.73 -9.43 -23.37
C GLU B 139 -6.75 -9.61 -24.52
N GLY B 140 -7.04 -10.60 -25.37
CA GLY B 140 -6.23 -10.89 -26.53
C GLY B 140 -7.06 -10.78 -27.82
N LEU B 141 -6.38 -10.97 -28.94
CA LEU B 141 -7.03 -10.88 -30.24
C LEU B 141 -8.12 -11.92 -30.44
N MET B 142 -8.12 -13.00 -29.66
CA MET B 142 -9.14 -14.03 -29.78
C MET B 142 -10.21 -13.95 -28.71
N THR B 143 -10.09 -13.00 -27.80
CA THR B 143 -11.03 -12.94 -26.64
C THR B 143 -11.62 -11.54 -26.49
N ALA B 144 -11.21 -10.58 -27.32
CA ALA B 144 -11.69 -9.18 -27.19
C ALA B 144 -13.20 -9.10 -27.39
N ASN B 145 -13.88 -8.36 -26.52
CA ASN B 145 -15.34 -8.13 -26.69
C ASN B 145 -15.49 -6.97 -27.68
N GLY B 146 -16.48 -7.04 -28.56
CA GLY B 146 -16.58 -6.01 -29.60
C GLY B 146 -16.01 -6.51 -30.91
N ARG B 147 -15.30 -7.64 -30.88
CA ARG B 147 -14.71 -8.23 -32.10
C ARG B 147 -15.83 -8.72 -33.03
N LEU B 148 -15.54 -8.82 -34.33
CA LEU B 148 -16.54 -9.35 -35.29
C LEU B 148 -16.29 -10.84 -35.47
N THR B 149 -17.29 -11.59 -35.92
CA THR B 149 -17.12 -13.06 -36.04
C THR B 149 -17.74 -13.56 -37.35
N VAL B 150 -17.13 -14.59 -37.95
CA VAL B 150 -17.66 -15.20 -39.21
C VAL B 150 -17.61 -16.72 -39.02
N PRO B 151 -18.62 -17.46 -39.49
CA PRO B 151 -18.68 -18.92 -39.35
C PRO B 151 -17.62 -19.61 -40.21
N LEU B 152 -16.92 -20.56 -39.59
CA LEU B 152 -15.94 -21.36 -40.31
C LEU B 152 -16.65 -22.45 -41.13
N GLY B 153 -16.24 -22.60 -42.37
CA GLY B 153 -16.88 -23.52 -43.30
C GLY B 153 -16.31 -24.91 -43.24
N ASP B 154 -16.45 -25.63 -44.36
CA ASP B 154 -15.97 -27.02 -44.42
C ASP B 154 -14.45 -27.07 -44.41
N TRP B 155 -13.81 -26.31 -45.30
CA TRP B 155 -12.36 -26.22 -45.43
C TRP B 155 -11.76 -27.54 -45.93
N THR B 156 -12.59 -28.58 -46.05
CA THR B 156 -12.09 -29.84 -46.64
C THR B 156 -12.21 -29.70 -48.15
N SER B 157 -13.43 -29.47 -48.65
CA SER B 157 -13.62 -29.19 -50.10
C SER B 157 -12.92 -27.87 -50.45
N PRO B 158 -12.28 -27.73 -51.62
CA PRO B 158 -11.56 -26.51 -51.98
C PRO B 158 -12.49 -25.30 -52.12
N GLY B 159 -12.04 -24.11 -51.67
CA GLY B 159 -12.84 -22.88 -51.78
C GLY B 159 -13.35 -22.39 -50.45
N GLY B 160 -13.47 -23.28 -49.45
CA GLY B 160 -14.04 -22.89 -48.17
C GLY B 160 -13.24 -21.80 -47.47
N GLY B 161 -11.92 -21.93 -47.47
CA GLY B 161 -11.09 -20.90 -46.88
C GLY B 161 -11.22 -19.57 -47.60
N PHE B 162 -11.30 -19.62 -48.93
CA PHE B 162 -11.49 -18.39 -49.69
C PHE B 162 -12.82 -17.72 -49.34
N GLN B 163 -13.89 -18.51 -49.24
CA GLN B 163 -15.18 -17.94 -48.85
C GLN B 163 -15.12 -17.32 -47.47
N ALA B 164 -14.47 -18.00 -46.52
CA ALA B 164 -14.39 -17.47 -45.16
C ALA B 164 -13.61 -16.16 -45.13
N ILE B 165 -12.47 -16.08 -45.82
CA ILE B 165 -11.68 -14.86 -45.80
C ILE B 165 -12.40 -13.72 -46.51
N VAL B 166 -13.10 -14.01 -47.61
CA VAL B 166 -13.84 -12.97 -48.31
C VAL B 166 -14.98 -12.44 -47.43
N GLU B 167 -15.70 -13.34 -46.76
CA GLU B 167 -16.75 -12.92 -45.86
C GLU B 167 -16.20 -12.05 -44.73
N ALA B 168 -15.06 -12.45 -44.15
CA ALA B 168 -14.46 -11.66 -43.08
C ALA B 168 -14.04 -10.29 -43.56
N THR B 169 -13.43 -10.20 -44.74
CA THR B 169 -13.00 -8.90 -45.26
C THR B 169 -14.19 -7.99 -45.57
N ARG B 170 -15.28 -8.54 -46.12
CA ARG B 170 -16.43 -7.70 -46.40
C ARG B 170 -17.06 -7.21 -45.09
N LYS B 171 -17.12 -8.08 -44.09
CA LYS B 171 -17.65 -7.66 -42.79
C LYS B 171 -16.80 -6.56 -42.17
N LEU B 172 -15.47 -6.69 -42.27
CA LEU B 172 -14.59 -5.64 -41.74
C LEU B 172 -14.73 -4.35 -42.54
N ASN B 173 -14.99 -4.45 -43.84
CA ASN B 173 -15.16 -3.26 -44.66
C ASN B 173 -16.44 -2.52 -44.30
N GLU B 174 -17.50 -3.25 -43.96
CA GLU B 174 -18.74 -2.52 -43.62
C GLU B 174 -18.64 -1.72 -42.33
N GLN B 175 -17.50 -1.68 -41.61
CA GLN B 175 -17.37 -0.83 -40.44
C GLN B 175 -16.32 0.27 -40.65
N GLY B 176 -15.96 0.57 -41.89
CA GLY B 176 -14.96 1.58 -42.15
C GLY B 176 -13.54 1.14 -41.92
N HIS B 177 -13.30 -0.16 -41.82
CA HIS B 177 -11.97 -0.70 -41.56
C HIS B 177 -11.46 -1.36 -42.83
N PHE B 178 -10.73 -0.59 -43.62
CA PHE B 178 -10.04 -1.06 -44.80
C PHE B 178 -8.56 -1.16 -44.47
N GLY B 179 -7.77 -1.61 -45.42
CA GLY B 179 -6.35 -1.58 -45.28
C GLY B 179 -5.74 -2.94 -45.53
N PRO B 180 -4.41 -3.00 -45.53
CA PRO B 180 -3.72 -4.29 -45.65
C PRO B 180 -4.18 -5.25 -44.57
N TYR B 181 -4.64 -6.43 -44.96
CA TYR B 181 -5.16 -7.41 -44.02
C TYR B 181 -4.08 -8.42 -43.67
N ALA B 182 -4.15 -8.92 -42.44
CA ALA B 182 -3.25 -9.98 -42.00
C ALA B 182 -4.07 -11.16 -41.49
N VAL B 183 -3.59 -12.37 -41.79
CA VAL B 183 -4.28 -13.60 -41.43
C VAL B 183 -3.35 -14.46 -40.59
N VAL B 184 -3.86 -14.95 -39.46
CA VAL B 184 -3.12 -15.89 -38.62
C VAL B 184 -3.97 -17.14 -38.43
N LEU B 185 -3.37 -18.31 -38.66
CA LEU B 185 -4.09 -19.57 -38.67
C LEU B 185 -3.41 -20.59 -37.77
N SER B 186 -4.19 -21.58 -37.35
CA SER B 186 -3.67 -22.71 -36.60
C SER B 186 -3.01 -23.72 -37.53
N PRO B 187 -2.08 -24.54 -37.02
CA PRO B 187 -1.33 -25.44 -37.92
C PRO B 187 -2.19 -26.39 -38.74
N ARG B 188 -3.30 -26.88 -38.20
CA ARG B 188 -4.15 -27.77 -38.99
C ARG B 188 -4.73 -27.05 -40.19
N LEU B 189 -5.25 -25.83 -40.00
CA LEU B 189 -5.78 -25.05 -41.10
C LEU B 189 -4.68 -24.68 -42.09
N TYR B 190 -3.51 -24.31 -41.58
CA TYR B 190 -2.39 -23.95 -42.44
C TYR B 190 -1.97 -25.09 -43.34
N SER B 191 -1.90 -26.31 -42.77
CA SER B 191 -1.58 -27.48 -43.57
C SER B 191 -2.69 -27.80 -44.57
N GLN B 192 -3.94 -27.66 -44.15
CA GLN B 192 -5.06 -27.93 -45.04
C GLN B 192 -5.06 -26.99 -46.24
N LEU B 193 -4.57 -25.76 -46.07
CA LEU B 193 -4.54 -24.84 -47.19
C LEU B 193 -3.58 -25.30 -48.29
N HIS B 194 -2.50 -26.00 -47.93
CA HIS B 194 -1.48 -26.40 -48.90
C HIS B 194 -1.82 -27.69 -49.63
N ARG B 195 -3.03 -28.22 -49.47
CA ARG B 195 -3.40 -29.49 -50.06
C ARG B 195 -3.44 -29.42 -51.58
N ILE B 196 -3.05 -30.53 -52.21
CA ILE B 196 -3.17 -30.72 -53.66
C ILE B 196 -4.23 -31.79 -53.87
N TYR B 197 -5.36 -31.41 -54.44
CA TYR B 197 -6.36 -32.38 -54.85
C TYR B 197 -6.14 -32.76 -56.31
N GLU B 198 -7.01 -33.60 -56.83
CA GLU B 198 -6.97 -33.92 -58.25
C GLU B 198 -7.30 -32.67 -59.07
N LYS B 199 -6.62 -32.52 -60.20
CA LYS B 199 -6.89 -31.49 -61.20
C LYS B 199 -6.64 -30.07 -60.67
N THR B 200 -6.10 -29.95 -59.45
CA THR B 200 -6.06 -28.70 -58.69
C THR B 200 -5.72 -27.46 -59.52
N GLY B 201 -4.53 -27.44 -60.11
CA GLY B 201 -4.07 -26.32 -60.90
C GLY B 201 -3.49 -25.18 -60.08
N VAL B 202 -4.24 -24.66 -59.10
CA VAL B 202 -3.77 -23.55 -58.27
C VAL B 202 -4.01 -23.91 -56.80
N LEU B 203 -3.03 -23.61 -55.96
CA LEU B 203 -3.18 -23.78 -54.52
C LEU B 203 -3.99 -22.62 -53.95
N GLU B 204 -4.55 -22.83 -52.76
CA GLU B 204 -5.36 -21.81 -52.10
C GLU B 204 -4.54 -20.82 -51.30
N ILE B 205 -3.40 -21.25 -50.77
CA ILE B 205 -2.55 -20.37 -49.98
C ILE B 205 -2.06 -19.20 -50.82
N GLU B 206 -1.86 -19.44 -52.12
CA GLU B 206 -1.39 -18.35 -52.99
C GLU B 206 -2.44 -17.27 -53.16
N THR B 207 -3.70 -17.65 -53.39
CA THR B 207 -4.76 -16.67 -53.50
C THR B 207 -4.98 -15.94 -52.17
N ILE B 208 -4.90 -16.68 -51.06
CA ILE B 208 -5.06 -16.02 -49.76
C ILE B 208 -3.92 -15.02 -49.53
N ARG B 209 -2.70 -15.39 -49.90
CA ARG B 209 -1.56 -14.48 -49.77
C ARG B 209 -1.74 -13.26 -50.67
N GLN B 210 -2.32 -13.45 -51.86
CA GLN B 210 -2.54 -12.32 -52.74
C GLN B 210 -3.60 -11.38 -52.19
N LEU B 211 -4.62 -11.91 -51.53
CA LEU B 211 -5.67 -11.08 -50.94
C LEU B 211 -5.28 -10.49 -49.59
N ALA B 212 -4.24 -11.01 -48.94
CA ALA B 212 -3.86 -10.49 -47.63
C ALA B 212 -3.00 -9.24 -47.74
N SER B 213 -1.85 -9.36 -48.41
CA SER B 213 -0.95 -8.26 -48.72
C SER B 213 -0.19 -7.75 -47.50
N ASP B 214 -0.50 -8.27 -46.31
CA ASP B 214 0.31 -8.03 -45.13
C ASP B 214 0.80 -9.31 -44.48
N GLY B 215 0.36 -10.47 -44.98
CA GLY B 215 0.90 -11.72 -44.50
C GLY B 215 -0.12 -12.75 -44.06
N VAL B 216 0.20 -14.01 -44.34
CA VAL B 216 -0.51 -15.17 -43.81
C VAL B 216 0.51 -15.95 -42.98
N TYR B 217 0.19 -16.16 -41.70
CA TYR B 217 1.12 -16.80 -40.79
C TYR B 217 0.44 -17.94 -40.05
N GLN B 218 1.28 -18.81 -39.49
CA GLN B 218 0.85 -19.95 -38.71
C GLN B 218 1.43 -19.83 -37.30
N SER B 219 0.60 -20.10 -36.30
CA SER B 219 1.02 -20.06 -34.91
C SER B 219 0.51 -21.29 -34.18
N ASN B 220 1.40 -21.90 -33.38
CA ASN B 220 1.05 -23.11 -32.66
C ASN B 220 0.27 -22.82 -31.37
N ARG B 221 0.20 -21.56 -30.94
CA ARG B 221 -0.57 -21.23 -29.74
C ARG B 221 -2.07 -21.25 -29.99
N LEU B 222 -2.50 -21.12 -31.24
CA LEU B 222 -3.92 -21.24 -31.57
C LEU B 222 -4.36 -22.70 -31.41
N ARG B 223 -5.58 -22.89 -30.92
CA ARG B 223 -6.06 -24.20 -30.52
C ARG B 223 -7.05 -24.75 -31.54
N GLY B 224 -6.83 -26.00 -31.94
CA GLY B 224 -7.77 -26.68 -32.82
C GLY B 224 -7.83 -26.01 -34.19
N GLU B 225 -9.05 -25.69 -34.61
CA GLU B 225 -9.31 -25.06 -35.90
C GLU B 225 -9.75 -23.61 -35.64
N SER B 226 -8.79 -22.71 -35.55
CA SER B 226 -9.06 -21.31 -35.28
C SER B 226 -8.24 -20.42 -36.19
N GLY B 227 -8.74 -19.21 -36.41
CA GLY B 227 -8.06 -18.25 -37.25
C GLY B 227 -8.58 -16.85 -37.02
N VAL B 228 -7.73 -15.88 -37.34
CA VAL B 228 -8.05 -14.47 -37.11
C VAL B 228 -7.59 -13.64 -38.30
N VAL B 229 -8.41 -12.64 -38.66
CA VAL B 229 -8.10 -11.67 -39.71
C VAL B 229 -8.16 -10.29 -39.10
N VAL B 230 -7.09 -9.51 -39.26
CA VAL B 230 -7.00 -8.19 -38.65
C VAL B 230 -6.69 -7.14 -39.71
N SER B 231 -7.19 -5.92 -39.47
CA SER B 231 -6.80 -4.75 -40.28
C SER B 231 -5.67 -4.03 -39.55
N THR B 232 -4.46 -4.14 -40.11
CA THR B 232 -3.27 -3.66 -39.42
C THR B 232 -3.21 -2.13 -39.42
N GLY B 233 -2.37 -1.59 -38.54
CA GLY B 233 -2.18 -0.16 -38.43
C GLY B 233 -2.08 0.32 -37.00
N ARG B 234 -1.24 1.32 -36.77
CA ARG B 234 -1.05 1.88 -35.43
C ARG B 234 -2.27 2.64 -34.93
N GLU B 235 -3.25 2.90 -35.79
CA GLU B 235 -4.47 3.56 -35.35
C GLU B 235 -5.52 2.58 -34.85
N ASN B 236 -5.27 1.27 -34.92
CA ASN B 236 -6.20 0.26 -34.41
C ASN B 236 -5.61 -0.58 -33.28
N MET B 237 -4.32 -0.86 -33.29
CA MET B 237 -3.72 -1.68 -32.26
C MET B 237 -2.25 -1.31 -32.15
N ASP B 238 -1.66 -1.61 -30.99
CA ASP B 238 -0.21 -1.49 -30.86
C ASP B 238 0.26 -2.28 -29.65
N LEU B 239 1.57 -2.32 -29.48
CA LEU B 239 2.23 -3.01 -28.38
C LEU B 239 3.06 -2.00 -27.60
N ALA B 240 2.74 -1.81 -26.33
CA ALA B 240 3.47 -0.88 -25.48
C ALA B 240 4.52 -1.64 -24.69
N VAL B 241 5.77 -1.19 -24.81
CA VAL B 241 6.91 -1.90 -24.18
C VAL B 241 7.67 -0.94 -23.26
N SER B 242 7.81 -1.30 -21.99
CA SER B 242 8.62 -0.49 -21.05
C SER B 242 10.05 -1.02 -21.02
N MET B 243 10.21 -2.35 -21.11
CA MET B 243 11.56 -2.96 -21.14
C MET B 243 11.58 -4.13 -22.13
N ASP B 244 12.58 -4.17 -23.01
CA ASP B 244 12.75 -5.22 -23.99
C ASP B 244 13.57 -6.36 -23.42
N MET B 245 13.46 -7.53 -24.05
CA MET B 245 14.02 -8.78 -23.54
C MET B 245 15.49 -8.62 -23.14
N VAL B 246 15.79 -8.99 -21.90
CA VAL B 246 17.13 -8.82 -21.36
C VAL B 246 17.40 -9.92 -20.33
N ALA B 247 18.64 -10.01 -19.85
CA ALA B 247 19.06 -11.02 -18.89
C ALA B 247 19.61 -10.36 -17.62
N ALA B 248 19.29 -10.96 -16.47
CA ALA B 248 19.66 -10.44 -15.17
C ALA B 248 20.17 -11.56 -14.26
N TYR B 249 21.08 -11.21 -13.34
CA TYR B 249 21.62 -12.17 -12.35
C TYR B 249 20.74 -12.24 -11.07
N LEU B 250 20.50 -13.43 -10.53
CA LEU B 250 19.64 -13.61 -9.34
C LEU B 250 20.46 -13.88 -8.07
N GLY B 251 21.79 -13.90 -8.16
CA GLY B 251 22.63 -14.25 -6.99
C GLY B 251 22.86 -15.71 -6.65
N ALA B 252 24.09 -16.11 -6.35
CA ALA B 252 24.55 -17.52 -6.36
C ALA B 252 23.79 -18.47 -5.42
N SER B 253 23.84 -19.77 -5.71
CA SER B 253 23.17 -20.79 -4.88
C SER B 253 23.92 -22.13 -5.05
N ARG B 254 24.63 -22.59 -4.02
CA ARG B 254 25.46 -23.82 -4.10
C ARG B 254 26.65 -23.58 -5.04
N MET B 255 27.15 -22.35 -5.11
CA MET B 255 28.33 -21.96 -5.94
C MET B 255 27.97 -21.76 -7.43
N ASN B 256 26.76 -22.11 -7.85
CA ASN B 256 26.32 -22.01 -9.23
C ASN B 256 25.54 -20.72 -9.45
N HIS B 257 25.46 -20.30 -10.71
CA HIS B 257 25.00 -18.95 -11.03
C HIS B 257 23.64 -18.96 -11.72
N PRO B 258 22.61 -18.40 -11.09
CA PRO B 258 21.29 -18.33 -11.72
C PRO B 258 21.02 -17.01 -12.45
N PHE B 259 20.32 -17.11 -13.58
CA PHE B 259 19.98 -15.95 -14.39
C PHE B 259 18.52 -16.01 -14.82
N ARG B 260 17.98 -14.84 -15.14
CA ARG B 260 16.61 -14.67 -15.60
C ARG B 260 16.59 -13.92 -16.92
N VAL B 261 15.71 -14.33 -17.83
CA VAL B 261 15.45 -13.64 -19.08
C VAL B 261 14.04 -13.07 -18.99
N LEU B 262 13.90 -11.75 -19.17
CA LEU B 262 12.64 -11.08 -18.84
C LEU B 262 12.38 -9.90 -19.75
N GLU B 263 11.10 -9.52 -19.80
CA GLU B 263 10.60 -8.37 -20.57
C GLU B 263 9.30 -7.89 -19.96
N ALA B 264 8.88 -6.68 -20.34
CA ALA B 264 7.66 -6.06 -19.83
C ALA B 264 6.93 -5.34 -20.98
N LEU B 265 5.74 -5.82 -21.33
CA LEU B 265 4.97 -5.23 -22.41
C LEU B 265 3.49 -5.57 -22.26
N LEU B 266 2.66 -4.84 -23.00
CA LEU B 266 1.22 -4.97 -22.99
C LEU B 266 0.66 -4.69 -24.37
N LEU B 267 -0.52 -5.26 -24.67
CA LEU B 267 -1.18 -5.05 -25.96
C LEU B 267 -2.35 -4.09 -25.80
N ARG B 268 -2.39 -3.06 -26.65
CA ARG B 268 -3.45 -2.05 -26.60
C ARG B 268 -4.30 -2.17 -27.86
N ILE B 269 -5.58 -2.48 -27.68
CA ILE B 269 -6.54 -2.57 -28.77
C ILE B 269 -7.42 -1.34 -28.72
N LYS B 270 -7.26 -0.44 -29.69
CA LYS B 270 -7.99 0.82 -29.72
C LYS B 270 -9.27 0.76 -30.54
N HIS B 271 -9.31 -0.11 -31.56
CA HIS B 271 -10.48 -0.31 -32.40
C HIS B 271 -10.86 -1.78 -32.34
N PRO B 272 -11.72 -2.17 -31.41
CA PRO B 272 -12.07 -3.60 -31.28
C PRO B 272 -12.73 -4.18 -32.51
N ASP B 273 -13.28 -3.36 -33.40
CA ASP B 273 -13.97 -3.85 -34.58
C ASP B 273 -13.05 -3.98 -35.80
N ALA B 274 -11.74 -3.83 -35.62
CA ALA B 274 -10.76 -4.07 -36.69
C ALA B 274 -10.25 -5.51 -36.68
N ILE B 275 -10.94 -6.40 -35.97
CA ILE B 275 -10.58 -7.81 -35.84
C ILE B 275 -11.76 -8.64 -36.35
N CYS B 276 -11.49 -9.87 -36.75
CA CYS B 276 -12.55 -10.81 -37.11
C CYS B 276 -12.06 -12.23 -36.88
N THR B 277 -12.75 -12.97 -36.03
CA THR B 277 -12.36 -14.35 -35.73
C THR B 277 -13.18 -15.33 -36.56
N LEU B 278 -12.63 -16.54 -36.71
CA LEU B 278 -13.33 -17.61 -37.41
C LEU B 278 -13.70 -18.73 -36.44
N PRO C 2 -6.55 50.13 -24.60
CA PRO C 2 -5.86 49.63 -25.78
C PRO C 2 -5.39 48.18 -25.62
N ASP C 3 -5.12 47.76 -24.38
CA ASP C 3 -4.73 46.39 -24.13
C ASP C 3 -5.87 45.41 -24.39
N PHE C 4 -7.12 45.90 -24.41
CA PHE C 4 -8.28 45.08 -24.69
C PHE C 4 -8.57 44.95 -26.18
N LEU C 5 -7.79 45.64 -27.02
CA LEU C 5 -7.99 45.61 -28.47
C LEU C 5 -7.20 44.49 -29.15
N GLY C 6 -6.86 43.43 -28.41
CA GLY C 6 -6.15 42.30 -28.97
C GLY C 6 -6.16 41.15 -27.99
N HIS C 7 -5.71 40.00 -28.47
CA HIS C 7 -5.61 38.81 -27.65
C HIS C 7 -4.46 38.97 -26.66
N ALA C 8 -4.56 38.30 -25.52
CA ALA C 8 -3.57 38.43 -24.46
C ALA C 8 -3.19 37.05 -23.92
N GLU C 9 -1.98 36.99 -23.37
CA GLU C 9 -1.51 35.80 -22.65
C GLU C 9 -1.97 35.82 -21.20
N ASN C 10 -1.78 36.95 -20.50
CA ASN C 10 -2.25 37.15 -19.14
C ASN C 10 -2.97 38.49 -19.06
N PRO C 11 -4.26 38.53 -18.72
CA PRO C 11 -4.98 39.80 -18.66
C PRO C 11 -4.79 40.61 -17.38
N LEU C 12 -4.21 40.03 -16.34
CA LEU C 12 -4.07 40.71 -15.05
C LEU C 12 -2.59 40.97 -14.78
N ARG C 13 -2.35 41.84 -13.80
CA ARG C 13 -1.01 42.18 -13.36
C ARG C 13 -0.66 41.38 -12.10
N GLU C 14 0.56 41.59 -11.61
CA GLU C 14 1.08 40.80 -10.50
C GLU C 14 0.26 41.00 -9.24
N GLU C 15 -0.09 42.25 -8.92
CA GLU C 15 -0.84 42.52 -7.71
C GLU C 15 -2.23 41.90 -7.76
N GLU C 16 -2.91 42.02 -8.91
CA GLU C 16 -4.23 41.42 -9.06
C GLU C 16 -4.18 39.90 -8.95
N TRP C 17 -3.18 39.29 -9.59
CA TRP C 17 -3.03 37.84 -9.51
C TRP C 17 -2.76 37.39 -8.09
N ALA C 18 -1.90 38.12 -7.37
CA ALA C 18 -1.61 37.79 -5.98
C ALA C 18 -2.85 37.92 -5.11
N ARG C 19 -3.64 38.98 -5.32
CA ARG C 19 -4.87 39.15 -4.56
C ARG C 19 -5.83 38.00 -4.79
N LEU C 20 -5.99 37.59 -6.05
CA LEU C 20 -6.90 36.49 -6.37
C LEU C 20 -6.44 35.18 -5.73
N ASN C 21 -5.14 34.89 -5.81
CA ASN C 21 -4.62 33.66 -5.22
C ASN C 21 -4.78 33.65 -3.71
N GLU C 22 -4.50 34.79 -3.06
CA GLU C 22 -4.67 34.87 -1.62
C GLU C 22 -6.12 34.68 -1.21
N THR C 23 -7.05 35.26 -1.98
CA THR C 23 -8.47 35.05 -1.70
C THR C 23 -8.83 33.57 -1.77
N VAL C 24 -8.36 32.89 -2.81
CA VAL C 24 -8.68 31.47 -2.98
C VAL C 24 -8.15 30.66 -1.82
N ILE C 25 -6.88 30.89 -1.44
CA ILE C 25 -6.27 30.11 -0.36
C ILE C 25 -7.00 30.36 0.95
N GLN C 26 -7.29 31.63 1.25
CA GLN C 26 -7.94 31.97 2.52
C GLN C 26 -9.32 31.36 2.60
N VAL C 27 -10.08 31.39 1.50
CA VAL C 27 -11.41 30.78 1.52
C VAL C 27 -11.31 29.27 1.73
N ALA C 28 -10.36 28.61 1.06
CA ALA C 28 -10.25 27.16 1.18
C ALA C 28 -9.87 26.73 2.59
N ARG C 29 -8.91 27.43 3.21
CA ARG C 29 -8.41 27.01 4.52
C ARG C 29 -9.50 27.06 5.60
N ARG C 30 -10.46 27.97 5.48
CA ARG C 30 -11.51 28.07 6.49
C ARG C 30 -12.49 26.91 6.43
N SER C 31 -12.77 26.40 5.23
CA SER C 31 -13.83 25.43 5.04
C SER C 31 -13.34 23.99 4.94
N LEU C 32 -12.05 23.77 4.71
CA LEU C 32 -11.53 22.40 4.59
C LEU C 32 -11.52 21.72 5.95
N VAL C 33 -11.91 20.45 5.98
CA VAL C 33 -12.06 19.68 7.22
C VAL C 33 -11.22 18.41 7.22
N GLY C 34 -11.28 17.62 6.15
CA GLY C 34 -10.58 16.35 6.13
C GLY C 34 -9.07 16.48 6.22
N ARG C 35 -8.54 17.61 5.76
CA ARG C 35 -7.11 17.87 5.87
C ARG C 35 -6.66 18.06 7.31
N ARG C 36 -7.59 18.23 8.24
CA ARG C 36 -7.27 18.35 9.66
C ARG C 36 -7.08 17.00 10.33
N ILE C 37 -7.49 15.91 9.68
CA ILE C 37 -7.37 14.57 10.25
C ILE C 37 -6.66 13.61 9.32
N LEU C 38 -6.27 14.03 8.12
CA LEU C 38 -5.60 13.14 7.18
C LEU C 38 -4.21 13.67 6.85
N ASP C 39 -3.26 12.75 6.69
CA ASP C 39 -1.91 13.10 6.26
C ASP C 39 -1.84 13.17 4.73
N ILE C 40 -0.77 13.78 4.23
CA ILE C 40 -0.61 14.09 2.82
C ILE C 40 0.57 13.31 2.27
N TYR C 41 0.33 12.52 1.23
CA TYR C 41 1.40 11.92 0.43
C TYR C 41 1.93 13.00 -0.50
N GLY C 42 3.23 13.28 -0.39
CA GLY C 42 3.82 14.50 -0.91
C GLY C 42 3.40 14.90 -2.30
N PRO C 43 3.38 16.22 -2.57
CA PRO C 43 2.94 16.72 -3.88
C PRO C 43 3.71 16.10 -5.03
N LEU C 44 3.01 15.33 -5.87
CA LEU C 44 3.66 14.52 -6.88
C LEU C 44 3.97 15.34 -8.15
N GLY C 45 3.07 16.23 -8.54
CA GLY C 45 3.23 16.96 -9.78
C GLY C 45 2.10 16.64 -10.75
N ALA C 46 1.83 17.56 -11.67
CA ALA C 46 0.71 17.37 -12.59
C ALA C 46 0.95 16.20 -13.54
N GLY C 47 2.21 15.86 -13.79
CA GLY C 47 2.50 14.77 -14.71
C GLY C 47 2.09 13.40 -14.19
N VAL C 48 2.02 13.25 -12.87
CA VAL C 48 1.65 11.98 -12.26
C VAL C 48 0.13 11.87 -12.26
N GLN C 49 -0.40 10.83 -12.90
CA GLN C 49 -1.84 10.63 -12.98
C GLN C 49 -2.32 9.35 -12.30
N THR C 50 -1.43 8.44 -11.91
CA THR C 50 -1.82 7.19 -11.28
C THR C 50 -0.93 6.93 -10.08
N VAL C 51 -1.50 6.26 -9.07
CA VAL C 51 -0.76 5.86 -7.89
C VAL C 51 -1.15 4.45 -7.48
N PRO C 52 -0.21 3.71 -6.89
CA PRO C 52 -0.54 2.38 -6.38
C PRO C 52 -1.50 2.44 -5.20
N TYR C 53 -2.35 1.41 -5.09
CA TYR C 53 -3.40 1.35 -4.07
C TYR C 53 -3.23 0.04 -3.31
N ASP C 54 -2.41 0.08 -2.26
CA ASP C 54 -2.08 -1.12 -1.51
C ASP C 54 -3.09 -1.35 -0.38
N GLU C 55 -3.34 -2.64 -0.10
CA GLU C 55 -4.24 -3.04 0.97
C GLU C 55 -3.61 -4.18 1.76
N PHE C 56 -3.85 -4.20 3.06
CA PHE C 56 -3.23 -5.18 3.95
C PHE C 56 -4.26 -5.91 4.80
N GLN C 57 -5.31 -6.42 4.17
CA GLN C 57 -6.38 -7.09 4.92
C GLN C 57 -5.87 -8.35 5.60
N GLY C 58 -5.04 -9.13 4.94
CA GLY C 58 -4.52 -10.38 5.49
C GLY C 58 -3.13 -10.22 6.06
N VAL C 59 -2.93 -10.78 7.25
CA VAL C 59 -1.65 -10.73 7.95
C VAL C 59 -1.50 -11.97 8.81
N SER C 60 -0.26 -12.26 9.19
CA SER C 60 0.09 -13.42 10.00
C SER C 60 0.99 -12.98 11.15
N PRO C 61 0.98 -13.73 12.25
CA PRO C 61 1.81 -13.34 13.40
C PRO C 61 3.29 -13.57 13.13
N GLY C 62 4.11 -13.03 14.05
CA GLY C 62 5.55 -13.18 13.98
C GLY C 62 6.03 -14.46 14.62
N ALA C 63 7.33 -14.50 14.89
CA ALA C 63 7.95 -15.71 15.42
C ALA C 63 8.98 -15.35 16.49
N VAL C 64 9.26 -16.33 17.36
CA VAL C 64 10.28 -16.21 18.43
C VAL C 64 11.20 -17.45 18.35
N ASP C 65 12.51 -17.26 18.17
CA ASP C 65 13.43 -18.41 17.98
C ASP C 65 14.83 -18.07 18.50
N ILE C 66 15.58 -19.08 18.94
CA ILE C 66 16.98 -18.88 19.44
C ILE C 66 17.95 -18.64 18.28
N VAL C 67 17.74 -19.28 17.12
CA VAL C 67 18.67 -19.17 15.96
C VAL C 67 18.07 -18.29 14.86
N GLY C 68 16.75 -18.27 14.72
CA GLY C 68 16.09 -17.46 13.68
C GLY C 68 15.88 -18.25 12.39
N GLU C 69 15.32 -19.46 12.48
CA GLU C 69 15.18 -20.33 11.29
C GLU C 69 13.71 -20.68 11.12
N GLN C 70 12.88 -20.36 12.11
CA GLN C 70 11.42 -20.59 11.95
C GLN C 70 10.94 -19.67 10.82
N GLU C 71 9.98 -20.13 10.03
CA GLU C 71 9.56 -19.34 8.83
C GLU C 71 8.15 -18.75 8.93
N THR C 72 8.02 -17.45 8.65
CA THR C 72 6.68 -16.80 8.65
C THR C 72 6.48 -16.07 7.31
N ALA C 73 5.23 -15.86 6.91
CA ALA C 73 4.91 -15.14 5.68
C ALA C 73 5.38 -13.70 5.76
N MET C 74 5.64 -13.11 4.60
CA MET C 74 6.10 -11.73 4.53
C MET C 74 4.91 -10.77 4.44
N VAL C 75 5.16 -9.52 4.85
CA VAL C 75 4.15 -8.49 4.79
C VAL C 75 4.23 -7.82 3.42
N PHE C 76 3.15 -7.93 2.66
CA PHE C 76 3.10 -7.37 1.31
C PHE C 76 1.64 -7.23 0.91
N THR C 77 1.39 -6.47 -0.15
CA THR C 77 0.05 -6.23 -0.64
C THR C 77 -0.64 -7.55 -1.01
N ASP C 78 -1.93 -7.63 -0.69
CA ASP C 78 -2.72 -8.79 -1.10
C ASP C 78 -2.83 -8.88 -2.62
N ALA C 79 -2.89 -7.75 -3.31
CA ALA C 79 -2.92 -7.71 -4.77
C ALA C 79 -2.52 -6.32 -5.24
N ARG C 80 -1.59 -6.24 -6.18
CA ARG C 80 -1.06 -4.96 -6.62
C ARG C 80 -1.98 -4.33 -7.65
N LYS C 81 -2.50 -3.14 -7.33
CA LYS C 81 -3.39 -2.40 -8.23
C LYS C 81 -3.02 -0.92 -8.20
N PHE C 82 -3.51 -0.18 -9.19
CA PHE C 82 -3.31 1.25 -9.29
C PHE C 82 -4.65 1.95 -9.44
N LYS C 83 -4.65 3.25 -9.19
CA LYS C 83 -5.84 4.09 -9.35
C LYS C 83 -5.43 5.43 -9.93
N THR C 84 -6.38 6.06 -10.63
CA THR C 84 -6.13 7.31 -11.33
C THR C 84 -6.70 8.49 -10.55
N ILE C 85 -5.97 9.61 -10.59
CA ILE C 85 -6.30 10.78 -9.78
C ILE C 85 -7.24 11.69 -10.57
N PRO C 86 -8.35 12.13 -9.98
CA PRO C 86 -9.29 12.99 -10.72
C PRO C 86 -8.93 14.47 -10.60
N ILE C 87 -9.77 15.30 -11.21
CA ILE C 87 -9.66 16.75 -11.16
C ILE C 87 -10.97 17.32 -10.64
N ILE C 88 -10.87 18.29 -9.72
CA ILE C 88 -12.03 19.01 -9.19
C ILE C 88 -11.85 20.48 -9.55
N TYR C 89 -12.86 21.07 -10.17
CA TYR C 89 -12.71 22.41 -10.75
C TYR C 89 -14.05 23.13 -10.78
N LYS C 90 -13.96 24.46 -10.89
CA LYS C 90 -15.11 25.36 -11.01
C LYS C 90 -14.69 26.62 -11.75
N ASP C 91 -15.55 27.11 -12.64
CA ASP C 91 -15.22 28.23 -13.53
C ASP C 91 -15.97 29.50 -13.15
N PHE C 92 -15.37 30.64 -13.50
CA PHE C 92 -16.03 31.94 -13.34
C PHE C 92 -15.54 32.89 -14.43
N LEU C 93 -16.21 34.05 -14.53
CA LEU C 93 -16.03 34.98 -15.64
C LEU C 93 -15.85 36.41 -15.14
N LEU C 94 -15.05 37.19 -15.87
CA LEU C 94 -14.78 38.60 -15.55
C LEU C 94 -15.00 39.45 -16.81
N HIS C 95 -15.55 40.64 -16.60
CA HIS C 95 -15.82 41.58 -17.69
C HIS C 95 -14.67 42.56 -17.84
N TRP C 96 -14.35 42.93 -19.09
CA TRP C 96 -13.17 43.73 -19.36
C TRP C 96 -13.34 45.19 -18.93
N ARG C 97 -14.57 45.72 -18.98
CA ARG C 97 -14.77 47.09 -18.56
C ARG C 97 -14.58 47.27 -17.06
N ASP C 98 -14.85 46.23 -16.27
CA ASP C 98 -14.57 46.29 -14.84
C ASP C 98 -13.06 46.33 -14.57
N ILE C 99 -12.27 45.56 -15.32
CA ILE C 99 -10.83 45.64 -15.19
C ILE C 99 -10.33 47.02 -15.59
N GLU C 100 -10.92 47.59 -16.64
CA GLU C 100 -10.56 48.94 -17.05
C GLU C 100 -10.89 49.97 -15.96
N ALA C 101 -12.08 49.86 -15.37
CA ALA C 101 -12.50 50.79 -14.33
C ALA C 101 -11.77 50.54 -13.01
N ALA C 102 -11.09 49.42 -12.87
CA ALA C 102 -10.22 49.20 -11.71
C ALA C 102 -8.82 49.77 -11.94
N ARG C 103 -8.27 49.56 -13.14
CA ARG C 103 -6.96 50.15 -13.45
C ARG C 103 -7.02 51.67 -13.44
N THR C 104 -8.00 52.25 -14.12
CA THR C 104 -8.29 53.66 -13.97
C THR C 104 -9.20 53.83 -12.76
N HIS C 105 -9.29 55.06 -12.25
CA HIS C 105 -10.11 55.44 -11.10
C HIS C 105 -9.54 54.90 -9.79
N ASN C 106 -8.57 53.99 -9.89
CA ASN C 106 -7.84 53.43 -8.76
C ASN C 106 -8.83 52.98 -7.68
N MET C 107 -9.56 51.91 -8.00
CA MET C 107 -10.38 51.21 -7.02
C MET C 107 -9.99 49.74 -6.96
N PRO C 108 -10.31 49.05 -5.86
CA PRO C 108 -10.03 47.62 -5.78
C PRO C 108 -10.89 46.81 -6.73
N LEU C 109 -10.36 45.66 -7.12
CA LEU C 109 -11.03 44.74 -8.03
C LEU C 109 -11.87 43.74 -7.23
N ASP C 110 -13.07 43.46 -7.72
CA ASP C 110 -14.02 42.60 -7.02
C ASP C 110 -13.73 41.13 -7.35
N VAL C 111 -13.60 40.28 -6.32
CA VAL C 111 -13.20 38.89 -6.49
C VAL C 111 -14.19 37.94 -5.83
N SER C 112 -15.44 38.37 -5.69
CA SER C 112 -16.46 37.54 -5.06
C SER C 112 -16.77 36.28 -5.86
N ALA C 113 -16.73 36.35 -7.19
CA ALA C 113 -16.94 35.16 -8.01
C ALA C 113 -15.83 34.14 -7.80
N ALA C 114 -14.58 34.61 -7.70
CA ALA C 114 -13.48 33.71 -7.39
C ALA C 114 -13.66 33.07 -6.02
N ALA C 115 -14.12 33.86 -5.03
CA ALA C 115 -14.37 33.28 -3.71
C ALA C 115 -15.46 32.21 -3.77
N GLY C 116 -16.54 32.47 -4.50
CA GLY C 116 -17.59 31.47 -4.63
C GLY C 116 -17.12 30.19 -5.30
N ALA C 117 -16.30 30.32 -6.36
CA ALA C 117 -15.75 29.13 -7.01
C ALA C 117 -14.84 28.35 -6.06
N ALA C 118 -14.00 29.05 -5.30
CA ALA C 118 -13.13 28.38 -4.34
C ALA C 118 -13.91 27.70 -3.23
N ALA C 119 -15.07 28.22 -2.86
CA ALA C 119 -15.92 27.54 -1.88
C ALA C 119 -16.57 26.29 -2.45
N LEU C 120 -17.11 26.38 -3.67
CA LEU C 120 -17.73 25.22 -4.30
C LEU C 120 -16.73 24.11 -4.62
N CYS C 121 -15.46 24.45 -4.82
CA CYS C 121 -14.45 23.41 -5.02
C CYS C 121 -14.12 22.67 -3.72
N ALA C 122 -13.96 23.39 -2.61
CA ALA C 122 -13.68 22.76 -1.33
C ALA C 122 -14.84 21.89 -0.86
N GLN C 123 -16.07 22.35 -1.09
CA GLN C 123 -17.22 21.51 -0.74
C GLN C 123 -17.18 20.17 -1.47
N GLN C 124 -16.84 20.20 -2.76
CA GLN C 124 -16.75 18.97 -3.54
C GLN C 124 -15.61 18.08 -3.06
N GLU C 125 -14.48 18.69 -2.69
CA GLU C 125 -13.37 17.89 -2.16
C GLU C 125 -13.78 17.15 -0.88
N ASP C 126 -14.45 17.85 0.04
CA ASP C 126 -14.88 17.18 1.27
C ASP C 126 -15.95 16.13 1.01
N GLU C 127 -16.85 16.38 0.06
CA GLU C 127 -17.82 15.36 -0.32
C GLU C 127 -17.12 14.12 -0.87
N LEU C 128 -16.08 14.31 -1.68
CA LEU C 128 -15.34 13.16 -2.20
C LEU C 128 -14.57 12.43 -1.12
N ILE C 129 -14.09 13.15 -0.10
CA ILE C 129 -13.36 12.48 0.97
C ILE C 129 -14.31 11.64 1.82
N PHE C 130 -15.48 12.18 2.16
CA PHE C 130 -16.36 11.46 3.07
C PHE C 130 -17.23 10.41 2.40
N TYR C 131 -17.74 10.69 1.21
CA TYR C 131 -18.40 9.69 0.38
C TYR C 131 -17.63 9.52 -0.92
N GLY C 132 -17.79 8.37 -1.54
CA GLY C 132 -16.97 8.05 -2.69
C GLY C 132 -17.54 8.54 -4.00
N ASP C 133 -17.44 7.71 -5.03
CA ASP C 133 -17.97 8.02 -6.35
C ASP C 133 -18.28 6.73 -7.08
N ALA C 134 -19.55 6.36 -7.15
CA ALA C 134 -19.92 5.07 -7.74
C ALA C 134 -19.56 5.00 -9.21
N ARG C 135 -19.69 6.11 -9.94
CA ARG C 135 -19.37 6.10 -11.37
C ARG C 135 -17.89 5.82 -11.60
N LEU C 136 -17.02 6.46 -10.83
CA LEU C 136 -15.58 6.31 -11.00
C LEU C 136 -14.98 5.27 -10.06
N GLY C 137 -15.80 4.58 -9.27
CA GLY C 137 -15.30 3.52 -8.42
C GLY C 137 -14.37 3.97 -7.31
N TYR C 138 -14.72 5.05 -6.62
CA TYR C 138 -13.97 5.51 -5.45
C TYR C 138 -14.78 5.27 -4.19
N GLU C 139 -14.09 5.13 -3.07
CA GLU C 139 -14.72 4.89 -1.78
C GLU C 139 -14.36 6.00 -0.80
N GLY C 140 -15.25 6.22 0.16
CA GLY C 140 -15.06 7.19 1.20
C GLY C 140 -15.03 6.55 2.58
N LEU C 141 -14.78 7.37 3.59
CA LEU C 141 -14.67 6.87 4.96
C LEU C 141 -15.96 6.26 5.47
N MET C 142 -17.11 6.68 4.95
CA MET C 142 -18.39 6.18 5.42
C MET C 142 -18.96 5.07 4.52
N THR C 143 -18.26 4.69 3.46
CA THR C 143 -18.75 3.66 2.55
C THR C 143 -17.75 2.53 2.31
N ALA C 144 -16.56 2.58 2.93
CA ALA C 144 -15.56 1.55 2.70
C ALA C 144 -16.07 0.18 3.14
N ASN C 145 -15.69 -0.85 2.39
CA ASN C 145 -16.14 -2.21 2.66
C ASN C 145 -15.27 -2.85 3.73
N GLY C 146 -15.91 -3.46 4.72
CA GLY C 146 -15.19 -4.00 5.86
C GLY C 146 -14.60 -2.91 6.71
N ARG C 147 -15.45 -2.13 7.38
CA ARG C 147 -15.03 -0.90 8.05
C ARG C 147 -15.38 -0.82 9.52
N LEU C 148 -16.25 -1.70 10.06
CA LEU C 148 -16.62 -1.75 11.46
C LEU C 148 -17.73 -0.75 11.78
N THR C 149 -18.74 -1.19 12.54
CA THR C 149 -19.92 -0.37 12.77
C THR C 149 -20.47 -0.66 14.16
N VAL C 150 -20.83 0.39 14.89
CA VAL C 150 -21.48 0.22 16.22
C VAL C 150 -22.86 0.90 16.16
N PRO C 151 -23.92 0.33 16.76
CA PRO C 151 -25.23 0.99 16.78
C PRO C 151 -25.18 2.33 17.55
N LEU C 152 -25.84 3.36 17.04
CA LEU C 152 -25.81 4.71 17.68
C LEU C 152 -26.47 4.63 19.05
N GLY C 153 -27.54 3.85 19.17
CA GLY C 153 -28.22 3.68 20.47
C GLY C 153 -29.09 4.86 20.82
N ASP C 154 -29.27 5.16 22.11
CA ASP C 154 -30.11 6.31 22.56
C ASP C 154 -29.24 7.55 22.81
N TRP C 155 -28.98 8.33 21.76
CA TRP C 155 -28.15 9.55 21.86
C TRP C 155 -28.86 10.63 22.69
N THR C 156 -30.20 10.61 22.71
CA THR C 156 -30.98 11.68 23.40
C THR C 156 -30.71 11.72 24.92
N SER C 157 -30.64 10.56 25.58
CA SER C 157 -30.37 10.50 27.04
C SER C 157 -28.95 10.97 27.33
N PRO C 158 -28.67 11.57 28.51
CA PRO C 158 -27.32 12.06 28.86
C PRO C 158 -26.31 10.92 28.99
N GLY C 159 -25.09 11.10 28.46
CA GLY C 159 -24.09 10.02 28.45
C GLY C 159 -24.23 9.08 27.26
N GLY C 160 -25.23 9.30 26.40
CA GLY C 160 -25.50 8.41 25.25
C GLY C 160 -24.40 8.40 24.21
N GLY C 161 -23.79 9.56 23.93
CA GLY C 161 -22.68 9.65 22.97
C GLY C 161 -21.40 9.09 23.52
N PHE C 162 -21.17 9.25 24.83
CA PHE C 162 -20.00 8.71 25.51
C PHE C 162 -19.97 7.18 25.43
N GLN C 163 -21.12 6.55 25.66
CA GLN C 163 -21.17 5.08 25.59
C GLN C 163 -20.83 4.58 24.19
N ALA C 164 -21.37 5.24 23.16
CA ALA C 164 -21.11 4.83 21.79
C ALA C 164 -19.64 4.97 21.44
N ILE C 165 -19.01 6.08 21.83
CA ILE C 165 -17.58 6.25 21.54
C ILE C 165 -16.74 5.25 22.32
N VAL C 166 -17.13 4.91 23.56
CA VAL C 166 -16.43 3.88 24.31
C VAL C 166 -16.49 2.55 23.58
N GLU C 167 -17.67 2.16 23.09
CA GLU C 167 -17.80 0.91 22.35
C GLU C 167 -16.96 0.92 21.08
N ALA C 168 -16.96 2.05 20.36
CA ALA C 168 -16.20 2.12 19.12
C ALA C 168 -14.71 1.97 19.37
N THR C 169 -14.18 2.66 20.39
CA THR C 169 -12.76 2.55 20.68
C THR C 169 -12.39 1.16 21.19
N ARG C 170 -13.30 0.52 21.95
CA ARG C 170 -13.11 -0.88 22.30
C ARG C 170 -12.98 -1.77 21.06
N LYS C 171 -13.88 -1.60 20.08
CA LYS C 171 -13.80 -2.45 18.89
C LYS C 171 -12.52 -2.20 18.10
N LEU C 172 -12.10 -0.94 17.99
CA LEU C 172 -10.85 -0.64 17.31
C LEU C 172 -9.66 -1.27 18.03
N ASN C 173 -9.63 -1.19 19.36
CA ASN C 173 -8.54 -1.79 20.12
C ASN C 173 -8.52 -3.30 19.94
N GLU C 174 -9.68 -3.95 19.97
CA GLU C 174 -9.70 -5.40 19.75
C GLU C 174 -9.28 -5.80 18.35
N GLN C 175 -9.59 -4.99 17.34
CA GLN C 175 -9.09 -5.27 15.99
C GLN C 175 -7.60 -4.96 15.85
N GLY C 176 -7.03 -4.18 16.76
CA GLY C 176 -5.59 -4.04 16.81
C GLY C 176 -5.05 -2.67 16.48
N HIS C 177 -5.88 -1.63 16.52
CA HIS C 177 -5.45 -0.27 16.22
C HIS C 177 -5.59 0.57 17.48
N PHE C 178 -4.60 1.41 17.74
CA PHE C 178 -4.48 2.12 19.01
C PHE C 178 -4.09 3.57 18.77
N GLY C 179 -3.64 4.24 19.82
CA GLY C 179 -3.13 5.58 19.70
C GLY C 179 -4.23 6.60 19.64
N PRO C 180 -3.90 7.83 19.23
CA PRO C 180 -4.91 8.89 19.19
C PRO C 180 -6.01 8.57 18.20
N TYR C 181 -7.24 8.85 18.61
CA TYR C 181 -8.42 8.68 17.78
C TYR C 181 -8.96 10.04 17.38
N ALA C 182 -9.75 10.06 16.30
CA ALA C 182 -10.40 11.29 15.87
C ALA C 182 -11.86 11.01 15.59
N VAL C 183 -12.72 11.97 15.95
CA VAL C 183 -14.17 11.82 15.81
C VAL C 183 -14.70 12.94 14.93
N VAL C 184 -15.57 12.58 13.99
CA VAL C 184 -16.27 13.54 13.15
C VAL C 184 -17.76 13.25 13.25
N LEU C 185 -18.55 14.29 13.50
CA LEU C 185 -19.97 14.14 13.80
C LEU C 185 -20.81 15.04 12.90
N SER C 186 -22.09 14.73 12.81
CA SER C 186 -23.04 15.58 12.12
C SER C 186 -23.38 16.78 13.00
N PRO C 187 -23.78 17.90 12.38
CA PRO C 187 -23.99 19.14 13.17
C PRO C 187 -25.07 19.03 14.23
N ARG C 188 -26.09 18.19 14.03
CA ARG C 188 -27.13 18.03 15.04
C ARG C 188 -26.57 17.36 16.29
N LEU C 189 -25.84 16.25 16.11
CA LEU C 189 -25.23 15.55 17.23
C LEU C 189 -24.20 16.43 17.93
N TYR C 190 -23.37 17.11 17.14
CA TYR C 190 -22.35 17.98 17.71
C TYR C 190 -22.95 19.06 18.59
N SER C 191 -24.10 19.60 18.19
CA SER C 191 -24.75 20.64 18.98
C SER C 191 -25.47 20.08 20.20
N GLN C 192 -26.11 18.91 20.07
CA GLN C 192 -26.82 18.34 21.20
C GLN C 192 -25.91 17.66 22.22
N LEU C 193 -24.61 17.54 21.90
CA LEU C 193 -23.67 16.95 22.84
C LEU C 193 -23.10 17.94 23.85
N HIS C 194 -23.53 19.21 23.85
CA HIS C 194 -23.08 20.18 24.84
C HIS C 194 -24.02 20.22 26.04
N ARG C 195 -23.96 19.16 26.85
CA ARG C 195 -24.84 19.04 28.00
C ARG C 195 -24.08 18.63 29.26
N ILE C 196 -24.83 18.26 30.30
CA ILE C 196 -24.20 17.89 31.60
C ILE C 196 -24.33 16.38 31.81
N TYR C 197 -23.28 15.74 32.34
CA TYR C 197 -23.33 14.29 32.60
C TYR C 197 -22.49 13.91 33.84
N GLU C 198 -21.24 14.39 33.93
CA GLU C 198 -20.30 13.93 35.00
C GLU C 198 -20.53 14.49 36.41
N LYS C 199 -21.62 15.19 36.69
CA LYS C 199 -21.92 15.61 38.10
C LYS C 199 -20.81 16.53 38.64
N THR C 200 -19.75 16.76 37.87
CA THR C 200 -18.76 17.73 38.30
C THR C 200 -18.83 19.03 37.50
N GLY C 201 -19.83 19.17 36.62
CA GLY C 201 -19.98 20.36 35.80
C GLY C 201 -19.32 20.31 34.45
N VAL C 202 -18.57 19.25 34.14
CA VAL C 202 -17.88 19.14 32.86
C VAL C 202 -18.88 18.66 31.80
N LEU C 203 -18.66 19.10 30.57
CA LEU C 203 -19.57 18.77 29.48
C LEU C 203 -19.19 17.47 28.77
N GLU C 204 -20.20 16.82 28.20
CA GLU C 204 -19.99 15.56 27.50
C GLU C 204 -18.97 15.72 26.37
N ILE C 205 -18.96 16.87 25.71
CA ILE C 205 -18.01 17.09 24.62
C ILE C 205 -16.59 17.05 25.15
N GLU C 206 -16.36 17.59 26.35
CA GLU C 206 -15.02 17.54 26.94
C GLU C 206 -14.66 16.14 27.41
N THR C 207 -15.63 15.42 27.98
CA THR C 207 -15.36 14.05 28.40
C THR C 207 -15.05 13.16 27.19
N ILE C 208 -15.64 13.47 26.04
CA ILE C 208 -15.34 12.72 24.82
C ILE C 208 -13.99 13.14 24.25
N ARG C 209 -13.66 14.43 24.33
CA ARG C 209 -12.33 14.89 23.93
C ARG C 209 -11.24 14.25 24.79
N GLN C 210 -11.58 13.83 26.00
CA GLN C 210 -10.61 13.07 26.81
C GLN C 210 -10.24 11.76 26.12
N LEU C 211 -11.22 11.06 25.55
CA LEU C 211 -10.94 9.80 24.85
C LEU C 211 -10.30 10.05 23.49
N ALA C 212 -10.78 11.05 22.76
CA ALA C 212 -10.32 11.32 21.40
C ALA C 212 -9.24 12.40 21.47
N SER C 213 -7.98 11.96 21.49
CA SER C 213 -6.87 12.87 21.69
C SER C 213 -6.48 13.66 20.45
N ASP C 214 -6.99 13.29 19.27
CA ASP C 214 -6.65 14.01 18.05
C ASP C 214 -7.69 15.05 17.66
N GLY C 215 -8.92 14.94 18.14
CA GLY C 215 -9.91 15.98 17.96
C GLY C 215 -11.32 15.46 17.73
N VAL C 216 -12.28 16.30 18.05
CA VAL C 216 -13.70 16.09 17.73
C VAL C 216 -14.13 17.24 16.84
N TYR C 217 -14.68 16.93 15.67
CA TYR C 217 -15.06 17.93 14.70
C TYR C 217 -16.47 17.66 14.20
N GLN C 218 -17.03 18.65 13.50
CA GLN C 218 -18.32 18.51 12.83
C GLN C 218 -18.16 18.88 11.37
N SER C 219 -18.98 18.24 10.52
CA SER C 219 -18.94 18.49 9.09
C SER C 219 -20.37 18.57 8.56
N ASN C 220 -20.60 19.53 7.65
CA ASN C 220 -21.93 19.70 7.09
C ASN C 220 -22.25 18.63 6.05
N ARG C 221 -21.23 17.94 5.54
CA ARG C 221 -21.46 16.92 4.53
C ARG C 221 -22.14 15.68 5.11
N LEU C 222 -21.93 15.41 6.40
CA LEU C 222 -22.51 14.24 7.02
C LEU C 222 -24.03 14.37 7.11
N ARG C 223 -24.73 13.27 6.85
CA ARG C 223 -26.19 13.28 6.88
C ARG C 223 -26.69 13.26 8.32
N GLY C 224 -28.00 13.17 8.48
CA GLY C 224 -28.59 13.16 9.80
C GLY C 224 -28.28 11.88 10.55
N GLU C 225 -27.90 12.03 11.82
CA GLU C 225 -27.57 10.91 12.71
C GLU C 225 -26.42 10.08 12.14
N SER C 226 -25.26 10.71 12.01
CA SER C 226 -24.10 10.04 11.45
C SER C 226 -22.85 10.48 12.20
N GLY C 227 -21.86 9.58 12.24
CA GLY C 227 -20.59 9.89 12.85
C GLY C 227 -19.57 8.83 12.54
N VAL C 228 -18.30 9.22 12.60
CA VAL C 228 -17.20 8.31 12.28
C VAL C 228 -16.07 8.55 13.27
N VAL C 229 -15.42 7.47 13.69
CA VAL C 229 -14.24 7.53 14.54
C VAL C 229 -13.13 6.73 13.86
N VAL C 230 -11.96 7.36 13.74
CA VAL C 230 -10.86 6.75 13.00
C VAL C 230 -9.60 6.72 13.87
N SER C 231 -8.77 5.69 13.64
CA SER C 231 -7.44 5.61 14.22
C SER C 231 -6.46 6.29 13.26
N THR C 232 -5.97 7.47 13.65
CA THR C 232 -5.18 8.27 12.74
C THR C 232 -3.81 7.65 12.49
N GLY C 233 -3.18 8.10 11.41
CA GLY C 233 -1.85 7.62 11.07
C GLY C 233 -1.64 7.43 9.59
N ARG C 234 -0.45 7.81 9.11
CA ARG C 234 -0.13 7.67 7.69
C ARG C 234 -0.14 6.21 7.23
N GLU C 235 0.12 5.27 8.13
CA GLU C 235 0.16 3.86 7.78
C GLU C 235 -1.22 3.24 7.60
N ASN C 236 -2.29 3.93 7.97
CA ASN C 236 -3.64 3.42 7.78
C ASN C 236 -4.40 4.10 6.65
N MET C 237 -4.21 5.40 6.46
CA MET C 237 -4.89 6.12 5.40
C MET C 237 -4.08 7.37 5.08
N ASP C 238 -4.26 7.87 3.87
CA ASP C 238 -3.52 9.05 3.45
C ASP C 238 -4.21 9.72 2.27
N LEU C 239 -3.73 10.92 1.95
CA LEU C 239 -4.26 11.72 0.85
C LEU C 239 -3.12 12.02 -0.11
N ALA C 240 -3.22 11.50 -1.34
CA ALA C 240 -2.23 11.74 -2.37
C ALA C 240 -2.69 12.87 -3.26
N VAL C 241 -1.88 13.93 -3.35
CA VAL C 241 -2.24 15.12 -4.12
C VAL C 241 -1.20 15.28 -5.22
N SER C 242 -1.66 15.61 -6.43
CA SER C 242 -0.74 15.92 -7.51
C SER C 242 -0.48 17.41 -7.63
N MET C 243 -1.54 18.21 -7.52
CA MET C 243 -1.40 19.67 -7.49
C MET C 243 -2.44 20.23 -6.54
N ASP C 244 -2.05 21.26 -5.80
CA ASP C 244 -2.94 21.90 -4.84
C ASP C 244 -3.83 22.92 -5.54
N MET C 245 -4.74 23.49 -4.77
CA MET C 245 -5.74 24.41 -5.32
C MET C 245 -5.08 25.61 -6.00
N VAL C 246 -5.52 25.90 -7.23
CA VAL C 246 -4.91 26.97 -8.00
C VAL C 246 -5.90 27.53 -9.01
N ALA C 247 -5.61 28.71 -9.56
CA ALA C 247 -6.45 29.37 -10.55
C ALA C 247 -5.69 29.51 -11.87
N ALA C 248 -6.44 29.39 -12.97
CA ALA C 248 -5.87 29.41 -14.31
C ALA C 248 -6.77 30.22 -15.24
N TYR C 249 -6.15 30.80 -16.27
CA TYR C 249 -6.83 31.60 -17.28
C TYR C 249 -7.15 30.74 -18.50
N LEU C 250 -8.39 30.81 -18.97
CA LEU C 250 -8.84 29.94 -20.06
C LEU C 250 -8.81 30.60 -21.43
N GLY C 251 -8.32 31.83 -21.54
CA GLY C 251 -8.25 32.50 -22.82
C GLY C 251 -9.49 33.30 -23.16
N ALA C 252 -9.29 34.48 -23.76
CA ALA C 252 -10.38 35.43 -23.95
C ALA C 252 -11.41 34.89 -24.94
N SER C 253 -12.66 35.29 -24.72
CA SER C 253 -13.76 34.90 -25.61
C SER C 253 -14.78 36.04 -25.59
N ARG C 254 -14.97 36.69 -26.74
CA ARG C 254 -15.84 37.85 -26.88
C ARG C 254 -15.40 39.02 -26.03
N MET C 255 -14.09 39.17 -25.84
CA MET C 255 -13.40 40.22 -25.08
C MET C 255 -13.50 40.02 -23.57
N ASN C 256 -14.27 39.06 -23.09
CA ASN C 256 -14.37 38.78 -21.65
C ASN C 256 -13.39 37.67 -21.28
N HIS C 257 -13.13 37.54 -19.97
CA HIS C 257 -12.06 36.68 -19.49
C HIS C 257 -12.58 35.56 -18.60
N PRO C 258 -12.46 34.29 -19.01
CA PRO C 258 -12.82 33.18 -18.10
C PRO C 258 -11.64 32.60 -17.33
N PHE C 259 -11.91 32.18 -16.09
CA PHE C 259 -10.91 31.56 -15.22
C PHE C 259 -11.49 30.31 -14.60
N ARG C 260 -10.60 29.45 -14.10
CA ARG C 260 -11.00 28.20 -13.47
C ARG C 260 -10.14 27.95 -12.23
N VAL C 261 -10.79 27.44 -11.17
CA VAL C 261 -10.11 27.04 -9.95
C VAL C 261 -10.14 25.51 -9.89
N LEU C 262 -8.97 24.89 -9.70
CA LEU C 262 -8.86 23.45 -9.84
C LEU C 262 -7.84 22.86 -8.88
N GLU C 263 -7.98 21.55 -8.65
CA GLU C 263 -7.07 20.76 -7.83
C GLU C 263 -7.20 19.29 -8.23
N ALA C 264 -6.25 18.47 -7.76
CA ALA C 264 -6.22 17.04 -8.09
C ALA C 264 -5.67 16.25 -6.91
N LEU C 265 -6.52 15.38 -6.35
CA LEU C 265 -6.12 14.57 -5.19
C LEU C 265 -7.01 13.33 -5.09
N LEU C 266 -6.57 12.38 -4.26
CA LEU C 266 -7.26 11.12 -4.06
C LEU C 266 -6.99 10.62 -2.65
N LEU C 267 -7.90 9.79 -2.14
CA LEU C 267 -7.80 9.23 -0.79
C LEU C 267 -7.50 7.74 -0.85
N ARG C 268 -6.52 7.29 -0.08
CA ARG C 268 -6.11 5.89 -0.04
C ARG C 268 -6.32 5.34 1.36
N ILE C 269 -7.01 4.21 1.46
CA ILE C 269 -7.29 3.54 2.73
C ILE C 269 -6.57 2.20 2.71
N LYS C 270 -5.40 2.15 3.35
CA LYS C 270 -4.64 0.90 3.37
C LYS C 270 -5.25 -0.09 4.36
N HIS C 271 -5.69 0.38 5.52
CA HIS C 271 -6.30 -0.48 6.53
C HIS C 271 -7.77 -0.10 6.70
N PRO C 272 -8.70 -0.81 6.07
CA PRO C 272 -10.13 -0.48 6.22
C PRO C 272 -10.67 -0.76 7.62
N ASP C 273 -9.94 -1.48 8.47
CA ASP C 273 -10.40 -1.82 9.80
C ASP C 273 -9.95 -0.80 10.85
N ALA C 274 -9.34 0.30 10.45
CA ALA C 274 -8.98 1.39 11.35
C ALA C 274 -10.06 2.47 11.42
N ILE C 275 -11.27 2.14 10.97
CA ILE C 275 -12.41 3.05 10.93
C ILE C 275 -13.53 2.41 11.74
N CYS C 276 -14.49 3.23 12.19
CA CYS C 276 -15.69 2.71 12.82
C CYS C 276 -16.81 3.73 12.64
N THR C 277 -17.95 3.27 12.13
CA THR C 277 -19.06 4.16 11.86
C THR C 277 -20.20 3.97 12.86
N LEU C 278 -20.88 5.07 13.18
CA LEU C 278 -22.00 5.06 14.10
C LEU C 278 -23.33 5.03 13.36
N GLU D 193 29.19 3.05 20.26
CA GLU D 193 28.60 2.77 21.60
C GLU D 193 27.25 2.05 21.43
N LYS D 194 26.91 1.17 22.37
CA LYS D 194 25.61 0.47 22.32
C LYS D 194 24.55 1.45 22.82
N ARG D 195 23.41 1.54 22.13
CA ARG D 195 22.39 2.53 22.51
C ARG D 195 21.01 1.90 22.43
N LEU D 196 20.03 2.46 23.13
CA LEU D 196 18.65 1.95 22.94
C LEU D 196 17.98 2.74 21.81
N THR D 197 16.96 2.15 21.17
CA THR D 197 16.25 2.79 20.04
C THR D 197 14.85 3.21 20.50
N VAL D 198 13.88 2.28 20.56
CA VAL D 198 12.54 2.59 21.13
C VAL D 198 12.76 3.23 22.50
N GLY D 199 13.61 2.63 23.35
CA GLY D 199 13.95 3.23 24.65
C GLY D 199 13.03 2.83 25.78
N SER D 200 13.16 3.49 26.93
CA SER D 200 12.26 3.21 28.09
C SER D 200 10.97 4.04 28.00
N LEU D 201 9.83 3.43 28.31
CA LEU D 201 8.49 4.00 28.22
C LEU D 201 7.86 4.22 29.59
N ARG D 202 8.66 4.27 30.65
CA ARG D 202 8.16 4.51 31.99
C ARG D 202 8.35 5.97 32.40
N GLU E 193 21.08 5.55 -22.08
CA GLU E 193 19.79 5.80 -22.71
C GLU E 193 18.98 4.52 -22.86
N LYS E 194 17.68 4.66 -23.01
CA LYS E 194 16.81 3.51 -23.21
C LYS E 194 16.79 3.11 -24.68
N ARG E 195 16.86 1.80 -24.91
CA ARG E 195 16.93 1.28 -26.28
C ARG E 195 16.15 -0.01 -26.38
N LEU E 196 15.76 -0.35 -27.60
CA LEU E 196 15.17 -1.63 -27.92
C LEU E 196 16.25 -2.65 -28.24
N THR E 197 15.97 -3.92 -27.97
CA THR E 197 16.92 -5.00 -28.21
C THR E 197 16.43 -5.92 -29.31
N VAL E 198 15.24 -6.52 -29.15
CA VAL E 198 14.68 -7.36 -30.21
C VAL E 198 14.17 -6.50 -31.36
N GLY E 199 13.50 -5.41 -30.99
CA GLY E 199 13.04 -4.41 -31.97
C GLY E 199 11.79 -4.79 -32.71
N SER E 200 11.47 -4.02 -33.75
CA SER E 200 10.28 -4.31 -34.59
C SER E 200 10.62 -5.38 -35.62
N LEU E 201 9.67 -6.26 -35.91
CA LEU E 201 9.86 -7.29 -36.95
C LEU E 201 8.90 -7.00 -38.10
N ARG E 202 8.48 -5.74 -38.26
CA ARG E 202 7.49 -5.37 -39.31
C ARG E 202 8.22 -4.95 -40.60
N GLU F 193 8.53 24.11 -8.46
CA GLU F 193 7.43 23.64 -9.29
C GLU F 193 6.44 22.81 -8.47
N LYS F 194 6.94 21.77 -7.80
CA LYS F 194 6.11 20.98 -6.90
C LYS F 194 6.05 21.69 -5.55
N ARG F 195 4.88 22.26 -5.23
CA ARG F 195 4.71 23.02 -4.01
C ARG F 195 3.26 22.92 -3.55
N LEU F 196 3.07 23.13 -2.25
CA LEU F 196 1.74 23.17 -1.65
C LEU F 196 1.30 24.61 -1.49
N THR F 197 -0.01 24.84 -1.65
CA THR F 197 -0.55 26.19 -1.53
C THR F 197 -1.44 26.30 -0.30
N VAL F 198 -2.49 25.46 -0.22
CA VAL F 198 -3.30 25.39 0.98
C VAL F 198 -2.51 24.74 2.10
N GLY F 199 -1.75 23.70 1.78
CA GLY F 199 -0.89 23.05 2.75
C GLY F 199 -1.63 22.06 3.63
N SER F 200 -0.92 21.63 4.68
CA SER F 200 -1.45 20.67 5.64
C SER F 200 -2.05 21.41 6.83
N LEU F 201 -3.13 20.85 7.36
CA LEU F 201 -3.82 21.43 8.51
C LEU F 201 -3.67 20.57 9.76
N ARG F 202 -2.64 19.75 9.84
CA ARG F 202 -2.39 18.90 10.99
C ARG F 202 -1.17 19.37 11.77
#